data_7QJF
#
_entry.id   7QJF
#
_cell.length_a   1.000
_cell.length_b   1.000
_cell.length_c   1.000
_cell.angle_alpha   90.00
_cell.angle_beta   90.00
_cell.angle_gamma   90.00
#
_symmetry.space_group_name_H-M   'P 1'
#
_entity_poly.entity_id   1
_entity_poly.type   'polypeptide(L)'
_entity_poly.pdbx_seq_one_letter_code
;GSTFGPKDIKCEAYYMQDHVKYKANVFDRKGDMFLVSPIMAYGSFWAPVSYFTEGNTCEGVF
;
_entity_poly.pdbx_strand_id   A
#
# COMPACT_ATOMS: atom_id res chain seq x y z
N GLY A 1 -9.07 -8.44 9.93
CA GLY A 1 -10.16 -7.58 9.47
C GLY A 1 -10.19 -6.28 10.22
N SER A 2 -9.37 -5.35 9.81
CA SER A 2 -9.29 -4.07 10.46
C SER A 2 -9.10 -2.98 9.41
N THR A 3 -9.88 -1.94 9.52
CA THR A 3 -9.78 -0.80 8.65
C THR A 3 -9.12 0.33 9.42
N PHE A 4 -9.71 0.69 10.56
CA PHE A 4 -9.10 1.64 11.43
C PHE A 4 -8.15 0.88 12.32
N GLY A 5 -6.97 0.70 11.83
CA GLY A 5 -6.00 -0.05 12.51
C GLY A 5 -5.19 -0.79 11.49
N PRO A 6 -3.95 -0.37 11.26
CA PRO A 6 -3.09 -0.97 10.24
C PRO A 6 -2.53 -2.34 10.66
N LYS A 7 -3.39 -3.17 11.18
CA LYS A 7 -3.10 -4.44 11.62
C LYS A 7 -2.97 -5.39 10.44
N ASP A 8 -3.97 -5.41 9.61
CA ASP A 8 -4.01 -6.23 8.40
C ASP A 8 -3.54 -5.41 7.23
N ILE A 9 -2.95 -4.28 7.53
CA ILE A 9 -2.58 -3.34 6.51
C ILE A 9 -1.09 -3.04 6.65
N LYS A 10 -0.75 -2.37 7.74
CA LYS A 10 0.60 -1.93 8.11
C LYS A 10 1.09 -0.80 7.19
N CYS A 11 0.98 -0.99 5.92
CA CYS A 11 1.31 0.03 4.96
C CYS A 11 0.14 0.20 4.03
N GLU A 12 -0.27 1.40 3.84
CA GLU A 12 -1.25 1.70 2.85
C GLU A 12 -0.81 2.95 2.17
N ALA A 13 -0.53 2.82 0.92
CA ALA A 13 0.03 3.84 0.12
C ALA A 13 -1.00 4.44 -0.79
N TYR A 14 -0.66 5.53 -1.44
CA TYR A 14 -1.57 6.14 -2.37
C TYR A 14 -0.93 6.33 -3.70
N TYR A 15 -1.75 6.61 -4.62
CA TYR A 15 -1.38 6.79 -5.98
C TYR A 15 -2.51 7.47 -6.68
N MET A 16 -2.18 8.34 -7.58
CA MET A 16 -3.17 8.98 -8.39
C MET A 16 -2.88 8.67 -9.81
N GLN A 17 -3.90 8.73 -10.60
CA GLN A 17 -3.79 8.49 -12.01
C GLN A 17 -4.02 9.79 -12.71
N ASP A 18 -3.13 10.73 -12.43
CA ASP A 18 -3.15 12.12 -12.96
C ASP A 18 -4.27 12.97 -12.41
N HIS A 19 -5.16 12.36 -11.67
CA HIS A 19 -6.28 13.06 -11.09
C HIS A 19 -6.93 12.24 -9.96
N VAL A 20 -7.20 10.97 -10.22
CA VAL A 20 -7.88 10.14 -9.23
C VAL A 20 -6.88 9.43 -8.35
N LYS A 21 -6.89 9.75 -7.08
CA LYS A 21 -6.02 9.16 -6.11
C LYS A 21 -6.78 8.19 -5.24
N TYR A 22 -6.20 7.04 -5.03
CA TYR A 22 -6.78 6.07 -4.17
C TYR A 22 -5.67 5.31 -3.49
N LYS A 23 -6.07 4.48 -2.59
CA LYS A 23 -5.21 3.73 -1.74
C LYS A 23 -4.81 2.38 -2.35
N ALA A 24 -3.71 1.86 -1.86
CA ALA A 24 -3.22 0.53 -2.16
C ALA A 24 -2.57 0.01 -0.89
N ASN A 25 -3.02 -1.12 -0.40
CA ASN A 25 -2.44 -1.66 0.81
C ASN A 25 -1.22 -2.51 0.53
N VAL A 26 -0.20 -2.25 1.29
CA VAL A 26 1.12 -2.83 1.12
C VAL A 26 1.52 -3.58 2.37
N PHE A 27 2.12 -4.75 2.21
CA PHE A 27 2.44 -5.55 3.37
C PHE A 27 3.93 -5.58 3.62
N ASP A 28 4.69 -6.01 2.65
CA ASP A 28 6.11 -6.21 2.89
C ASP A 28 6.92 -5.71 1.72
N ARG A 29 8.20 -5.98 1.69
CA ARG A 29 9.04 -5.51 0.66
C ARG A 29 9.94 -6.60 0.13
N LYS A 30 10.41 -6.42 -1.08
CA LYS A 30 11.32 -7.31 -1.70
C LYS A 30 12.33 -6.51 -2.51
N GLY A 31 13.36 -6.05 -1.84
CA GLY A 31 14.37 -5.24 -2.45
C GLY A 31 13.89 -3.82 -2.63
N ASP A 32 13.71 -3.41 -3.86
CA ASP A 32 13.27 -2.05 -4.16
C ASP A 32 11.83 -2.07 -4.61
N MET A 33 11.29 -3.25 -4.59
CA MET A 33 9.93 -3.52 -4.97
C MET A 33 9.21 -3.84 -3.70
N PHE A 34 7.98 -3.50 -3.59
CA PHE A 34 7.25 -3.80 -2.48
C PHE A 34 6.19 -4.84 -2.80
N LEU A 35 5.55 -5.30 -1.80
CA LEU A 35 4.57 -6.37 -1.90
C LEU A 35 3.21 -5.79 -1.49
N VAL A 36 2.32 -5.63 -2.47
CA VAL A 36 1.08 -4.96 -2.29
C VAL A 36 -0.12 -5.88 -2.61
N SER A 37 -1.31 -5.39 -2.35
CA SER A 37 -2.55 -6.09 -2.59
C SER A 37 -3.51 -5.12 -3.32
N PRO A 38 -4.48 -5.66 -4.09
CA PRO A 38 -5.53 -4.84 -4.72
C PRO A 38 -6.57 -4.36 -3.68
N ILE A 39 -7.73 -3.90 -4.15
CA ILE A 39 -8.78 -3.30 -3.29
C ILE A 39 -9.65 -4.43 -2.65
N MET A 40 -9.02 -5.57 -2.43
CA MET A 40 -9.65 -6.72 -1.83
C MET A 40 -8.56 -7.69 -1.47
N ALA A 41 -8.88 -8.71 -0.73
CA ALA A 41 -7.94 -9.75 -0.43
C ALA A 41 -7.99 -10.78 -1.54
N TYR A 42 -7.12 -10.63 -2.50
CA TYR A 42 -7.04 -11.54 -3.62
C TYR A 42 -5.63 -11.49 -4.14
N GLY A 43 -4.83 -12.41 -3.72
CA GLY A 43 -3.48 -12.46 -4.17
C GLY A 43 -2.63 -11.37 -3.57
N SER A 44 -1.44 -11.25 -4.05
CA SER A 44 -0.51 -10.22 -3.68
C SER A 44 0.46 -10.07 -4.83
N PHE A 45 0.87 -8.87 -5.14
CA PHE A 45 1.78 -8.66 -6.24
C PHE A 45 2.78 -7.60 -5.89
N TRP A 46 3.90 -7.62 -6.55
CA TRP A 46 4.89 -6.63 -6.29
C TRP A 46 4.57 -5.35 -7.03
N ALA A 47 4.82 -4.25 -6.38
CA ALA A 47 4.65 -2.95 -6.97
C ALA A 47 5.64 -1.98 -6.35
N PRO A 48 6.16 -1.03 -7.12
CA PRO A 48 7.07 -0.03 -6.61
C PRO A 48 6.35 1.02 -5.76
N VAL A 49 6.28 0.77 -4.47
CA VAL A 49 5.63 1.67 -3.51
C VAL A 49 6.46 2.96 -3.33
N SER A 50 7.68 2.90 -3.81
CA SER A 50 8.57 4.04 -3.84
C SER A 50 7.95 5.17 -4.70
N TYR A 51 7.06 4.78 -5.62
CA TYR A 51 6.37 5.70 -6.50
C TYR A 51 5.14 6.33 -5.80
N PHE A 52 4.76 5.80 -4.66
CA PHE A 52 3.59 6.27 -3.95
C PHE A 52 3.94 7.41 -3.01
N THR A 53 4.75 8.30 -3.51
CA THR A 53 5.19 9.44 -2.77
C THR A 53 4.10 10.51 -2.69
N GLU A 54 3.18 10.27 -1.82
CA GLU A 54 2.10 11.14 -1.53
C GLU A 54 1.89 10.97 -0.03
N GLY A 55 1.59 9.75 0.35
CA GLY A 55 1.59 9.40 1.73
C GLY A 55 1.13 8.07 1.91
N ASN A 56 1.82 7.40 2.71
CA ASN A 56 1.60 6.05 2.94
C ASN A 56 1.66 5.84 4.45
N THR A 57 1.34 4.67 4.94
CA THR A 57 1.27 4.46 6.41
C THR A 57 2.31 3.49 6.97
N CYS A 58 3.14 3.01 6.13
CA CYS A 58 4.19 2.14 6.45
C CYS A 58 5.20 2.79 7.37
N GLU A 59 5.21 2.33 8.58
CA GLU A 59 6.11 2.81 9.59
C GLU A 59 6.96 1.63 10.08
N GLY A 60 6.37 0.45 10.09
CA GLY A 60 7.03 -0.75 10.57
C GLY A 60 7.87 -1.42 9.53
N VAL A 61 7.87 -0.87 8.34
CA VAL A 61 8.66 -1.41 7.26
C VAL A 61 9.66 -0.35 6.83
N PHE A 62 9.68 0.72 7.56
CA PHE A 62 10.38 1.83 7.21
C PHE A 62 11.65 1.90 8.04
N GLY A 1 -4.95 6.47 7.41
CA GLY A 1 -5.41 5.29 6.69
C GLY A 1 -6.66 5.61 5.92
N SER A 2 -6.82 5.01 4.77
CA SER A 2 -8.02 5.20 3.98
C SER A 2 -9.09 4.21 4.47
N THR A 3 -8.59 3.23 5.15
CA THR A 3 -9.37 2.23 5.77
C THR A 3 -8.83 2.09 7.21
N PHE A 4 -9.74 2.09 8.16
CA PHE A 4 -9.39 2.07 9.55
C PHE A 4 -9.00 0.67 10.01
N GLY A 5 -7.97 0.59 10.81
CA GLY A 5 -7.55 -0.66 11.36
C GLY A 5 -6.46 -1.28 10.54
N PRO A 6 -5.19 -0.88 10.76
CA PRO A 6 -4.06 -1.38 9.99
C PRO A 6 -3.61 -2.77 10.43
N LYS A 7 -4.58 -3.62 10.75
CA LYS A 7 -4.44 -4.90 11.21
C LYS A 7 -3.62 -5.73 10.25
N ASP A 8 -4.13 -5.85 9.04
CA ASP A 8 -3.50 -6.66 8.01
C ASP A 8 -2.78 -5.74 7.05
N ILE A 9 -2.85 -4.46 7.34
CA ILE A 9 -2.36 -3.43 6.43
C ILE A 9 -0.93 -3.06 6.77
N LYS A 10 -0.77 -2.31 7.87
CA LYS A 10 0.51 -1.76 8.36
C LYS A 10 0.98 -0.60 7.47
N CYS A 11 1.05 -0.81 6.18
CA CYS A 11 1.48 0.21 5.26
C CYS A 11 0.42 0.48 4.23
N GLU A 12 0.26 1.71 3.91
CA GLU A 12 -0.64 2.13 2.89
C GLU A 12 -0.03 3.37 2.31
N ALA A 13 0.31 3.30 1.07
CA ALA A 13 0.93 4.37 0.36
C ALA A 13 -0.07 4.88 -0.63
N TYR A 14 0.20 5.98 -1.26
CA TYR A 14 -0.68 6.44 -2.26
C TYR A 14 0.03 6.77 -3.50
N TYR A 15 -0.74 6.74 -4.51
CA TYR A 15 -0.43 7.19 -5.82
C TYR A 15 -1.74 7.14 -6.56
N MET A 16 -1.88 7.82 -7.66
CA MET A 16 -3.10 7.68 -8.41
C MET A 16 -3.04 6.39 -9.20
N GLN A 17 -4.16 5.81 -9.48
CA GLN A 17 -4.14 4.57 -10.23
C GLN A 17 -4.57 4.86 -11.64
N ASP A 18 -5.60 5.66 -11.74
CA ASP A 18 -6.11 6.10 -13.01
C ASP A 18 -5.77 7.54 -13.17
N HIS A 19 -6.48 8.30 -12.44
CA HIS A 19 -6.33 9.74 -12.34
C HIS A 19 -6.80 10.17 -10.95
N VAL A 20 -6.93 9.20 -10.06
CA VAL A 20 -7.45 9.45 -8.73
C VAL A 20 -6.46 8.87 -7.77
N LYS A 21 -6.06 9.65 -6.78
CA LYS A 21 -5.15 9.18 -5.76
C LYS A 21 -5.81 8.03 -5.03
N TYR A 22 -5.19 6.91 -5.04
CA TYR A 22 -5.75 5.78 -4.44
C TYR A 22 -4.78 5.14 -3.49
N LYS A 23 -5.38 4.48 -2.55
CA LYS A 23 -4.73 3.78 -1.50
C LYS A 23 -4.04 2.51 -2.01
N ALA A 24 -2.82 2.37 -1.66
CA ALA A 24 -2.06 1.21 -1.96
C ALA A 24 -1.72 0.55 -0.68
N ASN A 25 -2.53 -0.40 -0.38
CA ASN A 25 -2.40 -1.19 0.80
C ASN A 25 -1.21 -2.09 0.66
N VAL A 26 -0.18 -1.72 1.34
CA VAL A 26 1.09 -2.35 1.28
C VAL A 26 1.28 -3.26 2.46
N PHE A 27 1.45 -4.51 2.18
CA PHE A 27 1.70 -5.49 3.18
C PHE A 27 3.09 -5.27 3.74
N ASP A 28 4.06 -5.11 2.83
CA ASP A 28 5.46 -4.89 3.24
C ASP A 28 6.33 -4.67 2.00
N ARG A 29 7.65 -4.59 2.18
CA ARG A 29 8.53 -4.26 1.08
C ARG A 29 9.56 -5.36 0.77
N LYS A 30 10.16 -5.27 -0.40
CA LYS A 30 11.24 -6.12 -0.83
C LYS A 30 12.09 -5.36 -1.86
N GLY A 31 12.88 -4.42 -1.37
CA GLY A 31 13.68 -3.60 -2.23
C GLY A 31 12.88 -2.46 -2.81
N ASP A 32 12.77 -2.45 -4.13
CA ASP A 32 12.00 -1.42 -4.85
C ASP A 32 10.59 -1.91 -5.08
N MET A 33 10.44 -3.16 -4.82
CA MET A 33 9.25 -3.86 -5.04
C MET A 33 8.59 -3.98 -3.74
N PHE A 34 7.35 -3.75 -3.70
CA PHE A 34 6.65 -3.81 -2.57
C PHE A 34 5.55 -4.78 -2.76
N LEU A 35 4.94 -5.11 -1.72
CA LEU A 35 3.86 -6.04 -1.70
C LEU A 35 2.62 -5.25 -1.44
N VAL A 36 1.76 -5.18 -2.42
CA VAL A 36 0.59 -4.35 -2.35
C VAL A 36 -0.62 -5.03 -2.95
N SER A 37 -1.72 -4.93 -2.26
CA SER A 37 -3.01 -5.38 -2.72
C SER A 37 -4.04 -4.74 -1.83
N PRO A 38 -5.03 -4.03 -2.37
CA PRO A 38 -6.16 -3.58 -1.57
C PRO A 38 -6.78 -4.81 -0.96
N ILE A 39 -7.06 -4.77 0.34
CA ILE A 39 -7.48 -5.96 1.05
C ILE A 39 -8.77 -6.56 0.52
N MET A 40 -8.55 -7.56 -0.27
CA MET A 40 -9.52 -8.38 -0.95
C MET A 40 -8.78 -9.68 -1.13
N ALA A 41 -9.43 -10.70 -1.57
CA ALA A 41 -8.79 -11.98 -1.75
C ALA A 41 -7.81 -11.98 -2.94
N TYR A 42 -6.58 -11.64 -2.65
CA TYR A 42 -5.49 -11.68 -3.63
C TYR A 42 -4.42 -12.62 -3.13
N GLY A 43 -3.93 -13.45 -4.02
CA GLY A 43 -2.90 -14.40 -3.65
C GLY A 43 -1.54 -13.76 -3.52
N SER A 44 -0.99 -13.32 -4.63
CA SER A 44 0.30 -12.68 -4.63
C SER A 44 0.36 -11.57 -5.69
N PHE A 45 0.39 -10.35 -5.24
CA PHE A 45 0.52 -9.22 -6.12
C PHE A 45 1.55 -8.26 -5.53
N TRP A 46 2.50 -7.90 -6.31
CA TRP A 46 3.54 -7.00 -5.90
C TRP A 46 3.64 -5.89 -6.92
N ALA A 47 4.27 -4.81 -6.55
CA ALA A 47 4.44 -3.67 -7.46
C ALA A 47 5.52 -2.75 -6.94
N PRO A 48 6.18 -1.96 -7.81
CA PRO A 48 7.19 -0.97 -7.38
C PRO A 48 6.54 0.22 -6.66
N VAL A 49 6.11 -0.03 -5.44
CA VAL A 49 5.44 0.96 -4.63
C VAL A 49 6.47 1.90 -4.00
N SER A 50 7.76 1.59 -4.16
CA SER A 50 8.85 2.43 -3.65
C SER A 50 8.80 3.85 -4.32
N TYR A 51 7.95 3.97 -5.32
CA TYR A 51 7.71 5.18 -6.06
C TYR A 51 6.59 6.03 -5.35
N PHE A 52 6.24 5.62 -4.08
CA PHE A 52 5.21 6.20 -3.16
C PHE A 52 5.30 7.72 -2.88
N THR A 53 5.55 8.47 -3.87
CA THR A 53 5.73 9.89 -3.74
C THR A 53 4.40 10.64 -3.66
N GLU A 54 3.85 10.64 -2.46
CA GLU A 54 2.62 11.31 -2.14
C GLU A 54 2.56 11.37 -0.61
N GLY A 55 2.55 10.21 -0.01
CA GLY A 55 2.53 10.03 1.40
C GLY A 55 1.95 8.73 1.67
N ASN A 56 2.39 8.16 2.71
CA ASN A 56 2.01 6.85 3.08
C ASN A 56 1.69 6.84 4.57
N THR A 57 1.37 5.68 5.12
CA THR A 57 0.99 5.62 6.53
C THR A 57 1.58 4.38 7.27
N CYS A 58 2.54 3.76 6.64
CA CYS A 58 3.30 2.69 7.10
C CYS A 58 3.96 3.04 8.42
N GLU A 59 3.44 2.46 9.49
CA GLU A 59 3.83 2.86 10.84
C GLU A 59 4.72 1.79 11.42
N GLY A 60 5.19 0.94 10.57
CA GLY A 60 6.06 -0.08 11.03
C GLY A 60 7.26 -0.21 10.17
N VAL A 61 7.28 0.54 9.10
CA VAL A 61 8.31 0.36 8.13
C VAL A 61 8.99 1.71 7.85
N PHE A 62 8.82 2.61 8.76
CA PHE A 62 9.25 3.92 8.60
C PHE A 62 10.48 4.13 9.47
N GLY A 1 -10.00 12.60 8.47
CA GLY A 1 -10.24 11.16 8.49
C GLY A 1 -9.42 10.50 9.55
N SER A 2 -8.52 9.64 9.15
CA SER A 2 -7.63 8.98 10.08
C SER A 2 -6.40 8.55 9.34
N THR A 3 -5.27 9.13 9.70
CA THR A 3 -4.00 8.76 9.13
C THR A 3 -3.69 7.31 9.54
N PHE A 4 -3.99 7.00 10.79
CA PHE A 4 -3.80 5.69 11.30
C PHE A 4 -5.04 4.85 11.11
N GLY A 5 -5.27 4.50 9.89
CA GLY A 5 -6.32 3.59 9.53
C GLY A 5 -5.77 2.17 9.50
N PRO A 6 -4.73 1.91 8.67
CA PRO A 6 -4.05 0.61 8.65
C PRO A 6 -3.18 0.38 9.91
N LYS A 7 -3.82 0.17 11.03
CA LYS A 7 -3.21 -0.07 12.24
C LYS A 7 -2.59 -1.46 12.29
N ASP A 8 -3.40 -2.46 11.99
CA ASP A 8 -2.95 -3.85 12.01
C ASP A 8 -2.43 -4.22 10.64
N ILE A 9 -2.68 -3.33 9.73
CA ILE A 9 -2.29 -3.47 8.35
C ILE A 9 -0.88 -2.93 8.18
N LYS A 10 -0.68 -1.74 8.74
CA LYS A 10 0.59 -1.06 8.84
C LYS A 10 0.99 -0.34 7.55
N CYS A 11 1.00 -0.99 6.42
CA CYS A 11 1.30 -0.27 5.21
C CYS A 11 0.04 -0.04 4.39
N GLU A 12 -0.16 1.18 3.95
CA GLU A 12 -1.26 1.53 3.07
C GLU A 12 -0.85 2.73 2.25
N ALA A 13 -0.57 2.50 1.01
CA ALA A 13 -0.15 3.51 0.08
C ALA A 13 -1.31 3.88 -0.76
N TYR A 14 -1.18 4.91 -1.53
CA TYR A 14 -2.21 5.23 -2.41
C TYR A 14 -1.83 4.81 -3.77
N TYR A 15 -2.77 4.87 -4.61
CA TYR A 15 -2.67 4.55 -6.01
C TYR A 15 -3.81 5.17 -6.73
N MET A 16 -3.54 5.94 -7.72
CA MET A 16 -4.58 6.47 -8.53
C MET A 16 -4.41 5.94 -9.93
N GLN A 17 -5.49 5.89 -10.66
CA GLN A 17 -5.39 5.48 -12.04
C GLN A 17 -5.25 6.73 -12.90
N ASP A 18 -6.03 7.76 -12.55
CA ASP A 18 -5.85 9.10 -13.14
C ASP A 18 -6.50 10.20 -12.33
N HIS A 19 -7.56 9.86 -11.67
CA HIS A 19 -8.29 10.79 -10.80
C HIS A 19 -8.98 10.02 -9.73
N VAL A 20 -8.54 8.84 -9.55
CA VAL A 20 -9.12 7.94 -8.65
C VAL A 20 -8.05 7.41 -7.72
N LYS A 21 -7.74 8.20 -6.73
CA LYS A 21 -6.70 7.85 -5.80
C LYS A 21 -7.30 7.08 -4.66
N TYR A 22 -6.95 5.85 -4.61
CA TYR A 22 -7.47 4.92 -3.68
C TYR A 22 -6.39 4.38 -2.81
N LYS A 23 -6.76 4.08 -1.63
CA LYS A 23 -5.86 3.60 -0.65
C LYS A 23 -5.77 2.07 -0.73
N ALA A 24 -4.58 1.57 -0.77
CA ALA A 24 -4.34 0.18 -0.92
C ALA A 24 -3.58 -0.32 0.27
N ASN A 25 -4.08 -1.36 0.85
CA ASN A 25 -3.53 -1.95 2.05
C ASN A 25 -2.45 -2.93 1.72
N VAL A 26 -1.30 -2.61 2.18
CA VAL A 26 -0.10 -3.33 1.89
C VAL A 26 0.32 -4.12 3.13
N PHE A 27 0.65 -5.38 2.90
CA PHE A 27 0.86 -6.32 3.98
C PHE A 27 2.33 -6.58 4.23
N ASP A 28 3.05 -6.96 3.21
CA ASP A 28 4.42 -7.38 3.38
C ASP A 28 5.29 -6.64 2.39
N ARG A 29 6.57 -6.89 2.41
CA ARG A 29 7.49 -6.22 1.58
C ARG A 29 8.35 -7.20 0.83
N LYS A 30 9.03 -6.71 -0.14
CA LYS A 30 9.98 -7.49 -0.91
C LYS A 30 11.05 -6.51 -1.33
N GLY A 31 12.09 -6.97 -1.95
CA GLY A 31 13.12 -6.08 -2.45
C GLY A 31 12.59 -5.23 -3.60
N ASP A 32 12.37 -3.92 -3.33
CA ASP A 32 11.91 -2.91 -4.32
C ASP A 32 10.45 -3.09 -4.72
N MET A 33 9.77 -3.97 -4.05
CA MET A 33 8.40 -4.30 -4.35
C MET A 33 7.74 -4.54 -3.05
N PHE A 34 6.51 -4.27 -2.92
CA PHE A 34 5.83 -4.57 -1.77
C PHE A 34 4.67 -5.44 -2.12
N LEU A 35 4.00 -5.91 -1.14
CA LEU A 35 2.93 -6.86 -1.33
C LEU A 35 1.62 -6.22 -0.88
N VAL A 36 0.75 -5.98 -1.82
CA VAL A 36 -0.50 -5.29 -1.56
C VAL A 36 -1.65 -5.93 -2.31
N SER A 37 -2.79 -5.97 -1.70
CA SER A 37 -3.96 -6.43 -2.34
C SER A 37 -5.03 -5.36 -2.17
N PRO A 38 -5.21 -4.47 -3.18
CA PRO A 38 -6.25 -3.45 -3.14
C PRO A 38 -7.60 -4.15 -3.30
N ILE A 39 -7.78 -4.75 -4.45
CA ILE A 39 -8.90 -5.58 -4.77
C ILE A 39 -8.33 -6.71 -5.59
N MET A 40 -7.90 -7.74 -4.93
CA MET A 40 -7.23 -8.83 -5.60
C MET A 40 -7.38 -10.09 -4.77
N ALA A 41 -7.00 -11.21 -5.34
CA ALA A 41 -7.06 -12.47 -4.67
C ALA A 41 -5.73 -12.73 -3.98
N TYR A 42 -5.71 -13.63 -3.02
CA TYR A 42 -4.51 -13.90 -2.28
C TYR A 42 -3.49 -14.71 -3.01
N GLY A 43 -2.31 -14.18 -2.98
CA GLY A 43 -1.15 -14.74 -3.57
C GLY A 43 -0.08 -13.71 -3.45
N SER A 44 1.00 -13.88 -4.13
CA SER A 44 2.04 -12.89 -4.11
C SER A 44 1.77 -11.84 -5.20
N PHE A 45 1.03 -10.83 -4.84
CA PHE A 45 0.78 -9.74 -5.74
C PHE A 45 1.62 -8.58 -5.28
N TRP A 46 2.46 -8.10 -6.13
CA TRP A 46 3.37 -7.07 -5.75
C TRP A 46 3.07 -5.78 -6.47
N ALA A 47 3.43 -4.72 -5.85
CA ALA A 47 3.34 -3.41 -6.44
C ALA A 47 4.38 -2.52 -5.79
N PRO A 48 4.93 -1.54 -6.53
CA PRO A 48 5.87 -0.60 -5.96
C PRO A 48 5.15 0.39 -5.02
N VAL A 49 5.14 0.05 -3.77
CA VAL A 49 4.42 0.78 -2.75
C VAL A 49 5.22 1.98 -2.25
N SER A 50 6.50 1.75 -1.95
CA SER A 50 7.41 2.77 -1.44
C SER A 50 7.62 3.89 -2.48
N TYR A 51 7.14 3.60 -3.65
CA TYR A 51 7.19 4.43 -4.79
C TYR A 51 6.19 5.57 -4.71
N PHE A 52 5.16 5.44 -3.90
CA PHE A 52 4.16 6.37 -3.92
C PHE A 52 4.49 7.54 -3.03
N THR A 53 4.65 8.67 -3.63
CA THR A 53 5.03 9.86 -2.93
C THR A 53 3.83 10.72 -2.57
N GLU A 54 2.67 10.10 -2.53
CA GLU A 54 1.48 10.82 -2.17
C GLU A 54 1.14 10.44 -0.75
N GLY A 55 1.28 9.15 -0.44
CA GLY A 55 1.22 8.76 0.91
C GLY A 55 1.04 7.36 1.11
N ASN A 56 1.69 6.93 2.12
CA ASN A 56 1.71 5.59 2.62
C ASN A 56 1.77 5.69 4.13
N THR A 57 1.70 4.59 4.77
CA THR A 57 1.68 4.57 6.25
C THR A 57 2.79 3.74 6.84
N CYS A 58 3.30 2.91 6.04
CA CYS A 58 4.37 2.09 6.35
C CYS A 58 5.60 2.86 6.65
N GLU A 59 5.88 2.92 7.91
CA GLU A 59 7.04 3.60 8.41
C GLU A 59 7.98 2.58 9.06
N GLY A 60 7.38 1.57 9.67
CA GLY A 60 8.13 0.58 10.41
C GLY A 60 8.64 -0.53 9.55
N VAL A 61 8.29 -0.52 8.30
CA VAL A 61 8.76 -1.54 7.40
C VAL A 61 9.60 -0.89 6.30
N PHE A 62 9.85 0.37 6.48
CA PHE A 62 10.45 1.14 5.53
C PHE A 62 11.91 1.30 5.89
N GLY A 1 -4.99 8.46 15.89
CA GLY A 1 -4.63 7.39 14.96
C GLY A 1 -5.33 6.14 15.32
N SER A 2 -5.75 5.39 14.33
CA SER A 2 -6.41 4.15 14.54
C SER A 2 -5.37 3.08 14.81
N THR A 3 -5.61 2.28 15.79
CA THR A 3 -4.68 1.28 16.22
C THR A 3 -4.91 -0.04 15.48
N PHE A 4 -6.03 -0.67 15.77
CA PHE A 4 -6.35 -1.93 15.17
C PHE A 4 -7.36 -1.76 14.06
N GLY A 5 -6.93 -1.08 13.04
CA GLY A 5 -7.74 -0.89 11.88
C GLY A 5 -7.27 -1.84 10.82
N PRO A 6 -6.06 -1.63 10.27
CA PRO A 6 -5.44 -2.56 9.36
C PRO A 6 -4.74 -3.66 10.15
N LYS A 7 -5.48 -4.72 10.41
CA LYS A 7 -5.07 -5.81 11.19
C LYS A 7 -3.86 -6.53 10.59
N ASP A 8 -4.06 -7.07 9.42
CA ASP A 8 -3.03 -7.86 8.74
C ASP A 8 -2.47 -7.05 7.60
N ILE A 9 -3.17 -5.99 7.29
CA ILE A 9 -2.79 -5.09 6.23
C ILE A 9 -1.49 -4.40 6.60
N LYS A 10 -1.55 -3.58 7.67
CA LYS A 10 -0.38 -2.86 8.22
C LYS A 10 0.03 -1.66 7.34
N CYS A 11 0.15 -1.87 6.07
CA CYS A 11 0.54 -0.79 5.17
C CYS A 11 -0.62 -0.35 4.31
N GLU A 12 -0.75 0.92 4.14
CA GLU A 12 -1.72 1.47 3.27
C GLU A 12 -1.18 2.78 2.78
N ALA A 13 -0.73 2.74 1.58
CA ALA A 13 -0.10 3.87 0.95
C ALA A 13 -1.07 4.49 -0.02
N TYR A 14 -0.72 5.63 -0.53
CA TYR A 14 -1.47 6.25 -1.54
C TYR A 14 -0.58 6.52 -2.69
N TYR A 15 -1.20 6.90 -3.71
CA TYR A 15 -0.57 7.27 -4.94
C TYR A 15 -1.62 7.98 -5.76
N MET A 16 -1.24 9.00 -6.46
CA MET A 16 -2.17 9.67 -7.31
C MET A 16 -1.73 9.51 -8.75
N GLN A 17 -2.66 9.51 -9.61
CA GLN A 17 -2.44 9.31 -11.00
C GLN A 17 -2.91 10.54 -11.76
N ASP A 18 -2.22 11.63 -11.46
CA ASP A 18 -2.40 12.96 -12.10
C ASP A 18 -3.53 13.75 -11.47
N HIS A 19 -4.44 13.04 -10.90
CA HIS A 19 -5.56 13.60 -10.19
C HIS A 19 -5.96 12.69 -9.07
N VAL A 20 -6.20 11.47 -9.44
CA VAL A 20 -6.86 10.56 -8.65
C VAL A 20 -5.92 9.82 -7.73
N LYS A 21 -6.17 9.95 -6.46
CA LYS A 21 -5.38 9.31 -5.45
C LYS A 21 -6.12 8.17 -4.89
N TYR A 22 -5.50 7.06 -4.91
CA TYR A 22 -6.00 5.89 -4.43
C TYR A 22 -5.14 5.41 -3.34
N LYS A 23 -5.68 4.53 -2.58
CA LYS A 23 -4.96 3.87 -1.55
C LYS A 23 -4.63 2.46 -1.97
N ALA A 24 -3.57 1.97 -1.47
CA ALA A 24 -3.11 0.64 -1.71
C ALA A 24 -2.81 0.01 -0.41
N ASN A 25 -3.61 -0.95 -0.11
CA ASN A 25 -3.52 -1.71 1.06
C ASN A 25 -2.43 -2.74 0.89
N VAL A 26 -1.28 -2.40 1.40
CA VAL A 26 -0.08 -3.16 1.19
C VAL A 26 0.23 -4.02 2.38
N PHE A 27 0.69 -5.20 2.12
CA PHE A 27 1.05 -6.13 3.13
C PHE A 27 2.55 -6.19 3.29
N ASP A 28 3.25 -6.30 2.17
CA ASP A 28 4.70 -6.50 2.22
C ASP A 28 5.35 -5.83 1.00
N ARG A 29 6.64 -5.98 0.83
CA ARG A 29 7.37 -5.33 -0.22
C ARG A 29 8.40 -6.28 -0.84
N LYS A 30 8.78 -6.02 -2.07
CA LYS A 30 9.81 -6.76 -2.79
C LYS A 30 10.55 -5.77 -3.66
N GLY A 31 11.55 -5.15 -3.09
CA GLY A 31 12.26 -4.10 -3.79
C GLY A 31 11.39 -2.87 -3.89
N ASP A 32 11.03 -2.48 -5.11
CA ASP A 32 10.16 -1.32 -5.31
C ASP A 32 8.75 -1.76 -5.64
N MET A 33 8.60 -3.04 -5.81
CA MET A 33 7.33 -3.61 -6.10
C MET A 33 6.78 -4.07 -4.81
N PHE A 34 5.57 -3.78 -4.56
CA PHE A 34 5.03 -4.03 -3.36
C PHE A 34 3.96 -5.08 -3.49
N LEU A 35 3.53 -5.52 -2.38
CA LEU A 35 2.61 -6.62 -2.27
C LEU A 35 1.30 -6.09 -1.68
N VAL A 36 0.26 -6.07 -2.50
CA VAL A 36 -1.00 -5.37 -2.19
C VAL A 36 -2.25 -6.22 -2.61
N SER A 37 -3.41 -5.83 -2.15
CA SER A 37 -4.64 -6.37 -2.63
C SER A 37 -5.65 -5.21 -2.89
N PRO A 38 -5.93 -4.88 -4.17
CA PRO A 38 -6.87 -3.80 -4.53
C PRO A 38 -8.32 -4.19 -4.18
N ILE A 39 -8.52 -5.48 -4.07
CA ILE A 39 -9.78 -6.08 -3.71
C ILE A 39 -9.43 -7.00 -2.56
N MET A 40 -10.33 -7.27 -1.64
CA MET A 40 -9.99 -8.16 -0.53
C MET A 40 -9.83 -9.57 -1.02
N ALA A 41 -8.64 -10.04 -0.89
CA ALA A 41 -8.26 -11.33 -1.31
C ALA A 41 -7.11 -11.76 -0.45
N TYR A 42 -7.00 -13.04 -0.18
CA TYR A 42 -5.88 -13.52 0.58
C TYR A 42 -4.75 -13.77 -0.40
N GLY A 43 -5.14 -13.98 -1.66
CA GLY A 43 -4.20 -14.08 -2.71
C GLY A 43 -3.59 -12.73 -2.91
N SER A 44 -2.32 -12.66 -2.80
CA SER A 44 -1.65 -11.42 -2.83
C SER A 44 -1.30 -10.99 -4.27
N PHE A 45 -1.51 -9.74 -4.56
CA PHE A 45 -1.26 -9.16 -5.86
C PHE A 45 -0.05 -8.25 -5.70
N TRP A 46 0.65 -7.96 -6.74
CA TRP A 46 1.79 -7.08 -6.60
C TRP A 46 1.56 -5.80 -7.38
N ALA A 47 2.10 -4.72 -6.90
CA ALA A 47 2.02 -3.45 -7.62
C ALA A 47 3.18 -2.56 -7.23
N PRO A 48 3.69 -1.69 -8.12
CA PRO A 48 4.75 -0.74 -7.77
C PRO A 48 4.20 0.36 -6.87
N VAL A 49 4.10 0.04 -5.61
CA VAL A 49 3.54 0.95 -4.64
C VAL A 49 4.60 1.88 -4.08
N SER A 50 5.88 1.62 -4.41
CA SER A 50 6.99 2.49 -3.95
C SER A 50 6.85 3.94 -4.53
N TYR A 51 5.90 4.09 -5.44
CA TYR A 51 5.44 5.34 -6.03
C TYR A 51 4.55 6.13 -4.98
N PHE A 52 4.57 5.66 -3.73
CA PHE A 52 3.84 6.18 -2.55
C PHE A 52 4.17 7.63 -2.14
N THR A 53 4.44 8.44 -3.06
CA THR A 53 4.83 9.81 -2.81
C THR A 53 3.63 10.70 -2.49
N GLU A 54 3.06 10.49 -1.33
CA GLU A 54 1.88 11.19 -0.89
C GLU A 54 1.77 11.08 0.65
N GLY A 55 1.41 9.90 1.11
CA GLY A 55 1.32 9.62 2.51
C GLY A 55 0.80 8.30 2.69
N ASN A 56 1.39 7.62 3.57
CA ASN A 56 1.13 6.23 3.78
C ASN A 56 1.03 5.98 5.27
N THR A 57 0.70 4.76 5.66
CA THR A 57 0.59 4.42 7.06
C THR A 57 1.24 3.04 7.34
N CYS A 58 2.22 2.73 6.53
CA CYS A 58 2.99 1.56 6.60
C CYS A 58 4.02 1.73 7.70
N GLU A 59 3.64 1.38 8.90
CA GLU A 59 4.42 1.68 10.07
C GLU A 59 5.47 0.63 10.25
N GLY A 60 5.10 -0.57 9.91
CA GLY A 60 5.95 -1.69 10.15
C GLY A 60 7.07 -1.82 9.16
N VAL A 61 6.94 -1.14 8.06
CA VAL A 61 7.90 -1.24 7.01
C VAL A 61 8.92 -0.12 7.12
N PHE A 62 8.60 0.84 7.96
CA PHE A 62 9.32 1.99 8.14
C PHE A 62 10.15 1.84 9.39
N GLY A 1 -12.17 -3.81 5.44
CA GLY A 1 -12.67 -3.11 4.26
C GLY A 1 -11.60 -2.21 3.69
N SER A 2 -12.00 -1.00 3.31
CA SER A 2 -11.08 -0.04 2.71
C SER A 2 -10.54 0.92 3.77
N THR A 3 -10.99 0.71 4.99
CA THR A 3 -10.67 1.52 6.14
C THR A 3 -9.16 1.71 6.34
N PHE A 4 -8.79 2.91 6.71
CA PHE A 4 -7.41 3.31 6.85
C PHE A 4 -6.95 3.07 8.27
N GLY A 5 -5.67 2.95 8.46
CA GLY A 5 -5.13 2.75 9.77
C GLY A 5 -4.44 1.43 9.86
N PRO A 6 -3.18 1.36 9.39
CA PRO A 6 -2.41 0.13 9.31
C PRO A 6 -1.82 -0.31 10.66
N LYS A 7 -2.68 -0.43 11.63
CA LYS A 7 -2.39 -0.77 12.94
C LYS A 7 -1.64 -2.09 13.03
N ASP A 8 -2.23 -3.11 12.45
CA ASP A 8 -1.62 -4.47 12.46
C ASP A 8 -1.04 -4.74 11.08
N ILE A 9 -1.03 -3.71 10.30
CA ILE A 9 -0.68 -3.79 8.90
C ILE A 9 0.72 -3.29 8.66
N LYS A 10 1.06 -2.22 9.37
CA LYS A 10 2.38 -1.61 9.41
C LYS A 10 2.59 -0.57 8.32
N CYS A 11 2.31 -0.91 7.10
CA CYS A 11 2.50 0.04 6.00
C CYS A 11 1.23 0.29 5.21
N GLU A 12 0.92 1.52 5.01
CA GLU A 12 -0.15 1.93 4.16
C GLU A 12 0.31 3.19 3.44
N ALA A 13 0.55 3.01 2.18
CA ALA A 13 1.13 3.97 1.27
C ALA A 13 0.08 4.49 0.34
N TYR A 14 0.37 5.50 -0.44
CA TYR A 14 -0.60 5.93 -1.40
C TYR A 14 -0.07 5.90 -2.77
N TYR A 15 -0.97 6.00 -3.66
CA TYR A 15 -0.71 5.98 -5.07
C TYR A 15 -1.94 6.47 -5.79
N MET A 16 -1.76 7.15 -6.86
CA MET A 16 -2.89 7.59 -7.64
C MET A 16 -2.81 7.00 -9.01
N GLN A 17 -3.95 6.83 -9.60
CA GLN A 17 -4.05 6.26 -10.91
C GLN A 17 -4.67 7.27 -11.85
N ASP A 18 -3.95 8.39 -12.01
CA ASP A 18 -4.30 9.54 -12.90
C ASP A 18 -5.41 10.41 -12.34
N HIS A 19 -6.15 9.85 -11.44
CA HIS A 19 -7.29 10.53 -10.89
C HIS A 19 -7.54 10.14 -9.43
N VAL A 20 -7.56 8.86 -9.16
CA VAL A 20 -7.91 8.40 -7.83
C VAL A 20 -6.67 8.03 -7.07
N LYS A 21 -6.49 8.64 -5.90
CA LYS A 21 -5.41 8.28 -5.03
C LYS A 21 -5.96 7.37 -3.96
N TYR A 22 -5.48 6.19 -3.93
CA TYR A 22 -5.94 5.21 -3.01
C TYR A 22 -4.79 4.64 -2.25
N LYS A 23 -5.11 4.06 -1.16
CA LYS A 23 -4.17 3.52 -0.26
C LYS A 23 -3.71 2.12 -0.65
N ALA A 24 -2.47 1.91 -0.50
CA ALA A 24 -1.84 0.67 -0.69
C ALA A 24 -1.62 0.09 0.69
N ASN A 25 -2.38 -0.90 1.01
CA ASN A 25 -2.27 -1.59 2.27
C ASN A 25 -1.11 -2.56 2.14
N VAL A 26 0.01 -2.18 2.67
CA VAL A 26 1.25 -2.88 2.46
C VAL A 26 1.63 -3.67 3.69
N PHE A 27 1.99 -4.89 3.49
CA PHE A 27 2.30 -5.75 4.59
C PHE A 27 3.79 -6.00 4.65
N ASP A 28 4.35 -6.56 3.59
CA ASP A 28 5.74 -6.96 3.63
C ASP A 28 6.48 -6.36 2.46
N ARG A 29 7.75 -6.67 2.34
CA ARG A 29 8.56 -6.12 1.31
C ARG A 29 9.42 -7.17 0.63
N LYS A 30 9.89 -6.86 -0.58
CA LYS A 30 10.78 -7.72 -1.32
C LYS A 30 11.54 -6.94 -2.39
N GLY A 31 12.61 -6.33 -1.95
CA GLY A 31 13.45 -5.55 -2.82
C GLY A 31 12.85 -4.20 -3.09
N ASP A 32 12.53 -3.95 -4.33
CA ASP A 32 11.98 -2.67 -4.75
C ASP A 32 10.50 -2.82 -5.00
N MET A 33 9.99 -3.93 -4.57
CA MET A 33 8.61 -4.26 -4.66
C MET A 33 8.16 -4.63 -3.29
N PHE A 34 6.97 -4.32 -2.95
CA PHE A 34 6.45 -4.61 -1.74
C PHE A 34 5.26 -5.49 -1.92
N LEU A 35 4.76 -5.98 -0.83
CA LEU A 35 3.63 -6.88 -0.82
C LEU A 35 2.45 -6.08 -0.31
N VAL A 36 1.50 -5.84 -1.19
CA VAL A 36 0.37 -4.98 -0.92
C VAL A 36 -0.93 -5.68 -1.30
N SER A 37 -1.92 -5.59 -0.45
CA SER A 37 -3.21 -6.15 -0.76
C SER A 37 -4.28 -5.45 0.09
N PRO A 38 -4.88 -4.36 -0.43
CA PRO A 38 -5.93 -3.65 0.30
C PRO A 38 -7.26 -4.39 0.19
N ILE A 39 -7.80 -4.44 -1.00
CA ILE A 39 -9.04 -5.12 -1.30
C ILE A 39 -8.81 -6.06 -2.47
N MET A 40 -7.58 -6.54 -2.57
CA MET A 40 -7.19 -7.44 -3.64
C MET A 40 -7.41 -8.86 -3.22
N ALA A 41 -7.38 -9.76 -4.17
CA ALA A 41 -7.53 -11.16 -3.89
C ALA A 41 -6.28 -11.65 -3.18
N TYR A 42 -6.47 -12.33 -2.07
CA TYR A 42 -5.36 -12.79 -1.30
C TYR A 42 -4.60 -13.89 -2.04
N GLY A 43 -3.39 -13.57 -2.40
CA GLY A 43 -2.53 -14.49 -3.09
C GLY A 43 -1.25 -13.82 -3.45
N SER A 44 -0.82 -12.91 -2.58
CA SER A 44 0.38 -12.11 -2.74
C SER A 44 0.33 -11.17 -3.94
N PHE A 45 -0.16 -9.97 -3.71
CA PHE A 45 -0.13 -8.93 -4.71
C PHE A 45 1.06 -8.06 -4.40
N TRP A 46 1.75 -7.60 -5.40
CA TRP A 46 2.90 -6.79 -5.16
C TRP A 46 2.72 -5.42 -5.77
N ALA A 47 3.33 -4.45 -5.15
CA ALA A 47 3.32 -3.09 -5.64
C ALA A 47 4.62 -2.40 -5.27
N PRO A 48 5.18 -1.55 -6.16
CA PRO A 48 6.39 -0.79 -5.88
C PRO A 48 6.12 0.37 -4.91
N VAL A 49 6.01 0.04 -3.64
CA VAL A 49 5.69 1.00 -2.60
C VAL A 49 6.82 2.02 -2.37
N SER A 50 8.01 1.64 -2.78
CA SER A 50 9.19 2.50 -2.71
C SER A 50 8.99 3.78 -3.57
N TYR A 51 8.03 3.72 -4.48
CA TYR A 51 7.73 4.79 -5.39
C TYR A 51 6.66 5.73 -4.80
N PHE A 52 6.00 5.30 -3.74
CA PHE A 52 4.85 5.99 -3.19
C PHE A 52 5.20 7.13 -2.27
N THR A 53 6.03 8.02 -2.73
CA THR A 53 6.42 9.15 -1.94
C THR A 53 5.38 10.29 -1.96
N GLU A 54 4.25 10.01 -1.35
CA GLU A 54 3.20 10.96 -1.14
C GLU A 54 3.06 10.98 0.37
N GLY A 55 2.73 9.83 0.90
CA GLY A 55 2.76 9.60 2.29
C GLY A 55 2.32 8.28 2.58
N ASN A 56 3.05 7.67 3.39
CA ASN A 56 2.87 6.31 3.72
C ASN A 56 3.05 6.19 5.21
N THR A 57 2.97 5.00 5.73
CA THR A 57 3.08 4.80 7.18
C THR A 57 4.08 3.70 7.50
N CYS A 58 4.79 3.27 6.52
CA CYS A 58 5.73 2.22 6.60
C CYS A 58 6.92 2.65 7.43
N GLU A 59 6.86 2.29 8.68
CA GLU A 59 7.86 2.69 9.65
C GLU A 59 8.79 1.54 9.94
N GLY A 60 8.25 0.34 9.84
CA GLY A 60 9.01 -0.85 10.10
C GLY A 60 9.90 -1.21 8.95
N VAL A 61 9.75 -0.49 7.86
CA VAL A 61 10.55 -0.71 6.70
C VAL A 61 11.45 0.51 6.47
N PHE A 62 11.41 1.42 7.40
CA PHE A 62 12.11 2.58 7.33
C PHE A 62 13.05 2.61 8.52
N GLY A 1 -16.29 2.27 2.50
CA GLY A 1 -15.88 3.34 3.40
C GLY A 1 -14.69 2.93 4.20
N SER A 2 -13.79 3.84 4.44
CA SER A 2 -12.59 3.57 5.18
C SER A 2 -11.92 4.91 5.53
N THR A 3 -10.79 4.85 6.18
CA THR A 3 -10.07 6.02 6.62
C THR A 3 -8.58 5.68 6.46
N PHE A 4 -7.69 6.64 6.56
CA PHE A 4 -6.28 6.28 6.52
C PHE A 4 -5.83 5.87 7.91
N GLY A 5 -5.51 4.62 8.05
CA GLY A 5 -5.16 4.06 9.32
C GLY A 5 -4.97 2.57 9.22
N PRO A 6 -3.75 2.12 8.99
CA PRO A 6 -3.44 0.72 8.74
C PRO A 6 -3.34 -0.12 10.02
N LYS A 7 -4.43 -0.16 10.74
CA LYS A 7 -4.60 -0.78 11.98
C LYS A 7 -4.16 -2.25 11.97
N ASP A 8 -4.69 -3.00 11.05
CA ASP A 8 -4.30 -4.43 10.86
C ASP A 8 -3.52 -4.55 9.56
N ILE A 9 -3.14 -3.44 9.04
CA ILE A 9 -2.61 -3.36 7.71
C ILE A 9 -1.12 -3.06 7.71
N LYS A 10 -0.72 -2.11 8.53
CA LYS A 10 0.67 -1.67 8.72
C LYS A 10 1.14 -0.75 7.60
N CYS A 11 0.92 -1.12 6.36
CA CYS A 11 1.27 -0.24 5.26
C CYS A 11 0.03 0.15 4.50
N GLU A 12 -0.20 1.40 4.38
CA GLU A 12 -1.32 1.89 3.63
C GLU A 12 -0.89 3.17 2.97
N ALA A 13 -0.71 3.08 1.68
CA ALA A 13 -0.16 4.09 0.83
C ALA A 13 -1.21 4.69 -0.06
N TYR A 14 -0.89 5.75 -0.74
CA TYR A 14 -1.80 6.34 -1.67
C TYR A 14 -1.15 6.50 -2.98
N TYR A 15 -1.95 6.62 -3.94
CA TYR A 15 -1.59 6.74 -5.32
C TYR A 15 -2.85 7.10 -6.06
N MET A 16 -2.72 7.74 -7.16
CA MET A 16 -3.86 8.14 -7.93
C MET A 16 -3.92 7.38 -9.24
N GLN A 17 -5.06 7.43 -9.88
CA GLN A 17 -5.17 6.83 -11.20
C GLN A 17 -5.19 7.92 -12.22
N ASP A 18 -5.92 8.95 -11.91
CA ASP A 18 -6.02 10.17 -12.68
C ASP A 18 -6.74 11.20 -11.87
N HIS A 19 -6.01 11.69 -10.88
CA HIS A 19 -6.44 12.76 -9.94
C HIS A 19 -7.40 12.18 -8.89
N VAL A 20 -7.58 10.90 -8.97
CA VAL A 20 -8.39 10.16 -8.07
C VAL A 20 -7.44 9.33 -7.24
N LYS A 21 -7.23 9.72 -6.03
CA LYS A 21 -6.26 9.09 -5.17
C LYS A 21 -6.92 8.15 -4.26
N TYR A 22 -6.39 6.98 -4.24
CA TYR A 22 -6.85 5.97 -3.47
C TYR A 22 -5.81 5.53 -2.53
N LYS A 23 -6.27 4.89 -1.55
CA LYS A 23 -5.49 4.27 -0.57
C LYS A 23 -5.31 2.79 -0.90
N ALA A 24 -4.18 2.27 -0.62
CA ALA A 24 -3.86 0.91 -0.88
C ALA A 24 -3.25 0.29 0.32
N ASN A 25 -3.83 -0.80 0.68
CA ASN A 25 -3.53 -1.53 1.84
C ASN A 25 -2.44 -2.52 1.51
N VAL A 26 -1.26 -2.18 1.89
CA VAL A 26 -0.08 -2.93 1.59
C VAL A 26 0.32 -3.74 2.81
N PHE A 27 0.68 -4.96 2.58
CA PHE A 27 0.95 -5.86 3.65
C PHE A 27 2.44 -5.99 3.85
N ASP A 28 3.11 -6.46 2.85
CA ASP A 28 4.50 -6.82 2.99
C ASP A 28 5.23 -6.45 1.72
N ARG A 29 6.44 -6.87 1.58
CA ARG A 29 7.15 -6.65 0.38
C ARG A 29 7.79 -7.93 -0.08
N LYS A 30 8.17 -7.97 -1.31
CA LYS A 30 8.85 -9.09 -1.85
C LYS A 30 9.85 -8.58 -2.86
N GLY A 31 11.09 -8.54 -2.46
CA GLY A 31 12.10 -7.96 -3.27
C GLY A 31 12.06 -6.46 -3.13
N ASP A 32 11.89 -5.77 -4.23
CA ASP A 32 11.85 -4.31 -4.20
C ASP A 32 10.46 -3.82 -4.49
N MET A 33 9.54 -4.74 -4.62
CA MET A 33 8.18 -4.42 -4.89
C MET A 33 7.38 -4.85 -3.71
N PHE A 34 6.29 -4.19 -3.48
CA PHE A 34 5.53 -4.42 -2.36
C PHE A 34 4.34 -5.26 -2.68
N LEU A 35 3.73 -5.74 -1.66
CA LEU A 35 2.63 -6.66 -1.76
C LEU A 35 1.40 -5.95 -1.21
N VAL A 36 0.44 -5.73 -2.07
CA VAL A 36 -0.75 -4.98 -1.73
C VAL A 36 -1.99 -5.74 -2.23
N SER A 37 -3.08 -5.60 -1.52
CA SER A 37 -4.34 -6.16 -1.96
C SER A 37 -5.49 -5.30 -1.42
N PRO A 38 -5.97 -4.31 -2.22
CA PRO A 38 -7.14 -3.49 -1.86
C PRO A 38 -8.41 -4.32 -1.98
N ILE A 39 -8.33 -5.30 -2.84
CA ILE A 39 -9.35 -6.29 -3.04
C ILE A 39 -8.66 -7.63 -2.86
N MET A 40 -9.39 -8.65 -2.51
CA MET A 40 -8.78 -9.94 -2.31
C MET A 40 -8.41 -10.57 -3.62
N ALA A 41 -7.17 -10.86 -3.76
CA ALA A 41 -6.61 -11.35 -4.97
C ALA A 41 -6.16 -12.79 -4.82
N TYR A 42 -5.81 -13.39 -5.93
CA TYR A 42 -5.34 -14.76 -5.99
C TYR A 42 -3.83 -14.82 -5.76
N GLY A 43 -3.45 -15.43 -4.66
CA GLY A 43 -2.06 -15.57 -4.33
C GLY A 43 -1.51 -14.32 -3.69
N SER A 44 -1.13 -13.38 -4.51
CA SER A 44 -0.58 -12.12 -4.08
C SER A 44 -0.73 -11.11 -5.21
N PHE A 45 -0.67 -9.85 -4.88
CA PHE A 45 -0.70 -8.80 -5.86
C PHE A 45 0.40 -7.82 -5.46
N TRP A 46 1.03 -7.21 -6.42
CA TRP A 46 2.16 -6.37 -6.12
C TRP A 46 1.93 -4.94 -6.55
N ALA A 47 2.69 -4.05 -5.95
CA ALA A 47 2.73 -2.66 -6.36
C ALA A 47 4.06 -2.03 -5.96
N PRO A 48 4.58 -1.06 -6.74
CA PRO A 48 5.78 -0.33 -6.39
C PRO A 48 5.42 0.78 -5.39
N VAL A 49 5.09 0.35 -4.18
CA VAL A 49 4.59 1.21 -3.09
C VAL A 49 5.63 2.27 -2.67
N SER A 50 6.84 2.03 -3.03
CA SER A 50 7.94 2.91 -2.83
C SER A 50 7.68 4.26 -3.52
N TYR A 51 7.03 4.21 -4.67
CA TYR A 51 6.79 5.39 -5.47
C TYR A 51 5.44 6.05 -5.10
N PHE A 52 4.79 5.61 -4.03
CA PHE A 52 3.56 6.22 -3.60
C PHE A 52 3.88 7.50 -2.83
N THR A 53 4.22 8.53 -3.57
CA THR A 53 4.73 9.80 -3.08
C THR A 53 3.64 10.71 -2.53
N GLU A 54 2.54 10.14 -2.27
CA GLU A 54 1.42 10.81 -1.84
C GLU A 54 1.41 10.74 -0.33
N GLY A 55 1.71 9.57 0.14
CA GLY A 55 1.85 9.33 1.52
C GLY A 55 1.42 7.99 1.87
N ASN A 56 2.14 7.47 2.77
CA ASN A 56 1.97 6.12 3.21
C ASN A 56 1.99 6.10 4.70
N THR A 57 1.89 4.92 5.24
CA THR A 57 1.87 4.72 6.69
C THR A 57 2.83 3.63 7.19
N CYS A 58 3.33 2.90 6.27
CA CYS A 58 4.21 1.84 6.44
C CYS A 58 5.47 2.24 7.16
N GLU A 59 5.59 1.81 8.38
CA GLU A 59 6.74 2.13 9.18
C GLU A 59 7.60 0.90 9.38
N GLY A 60 6.99 -0.26 9.20
CA GLY A 60 7.66 -1.49 9.47
C GLY A 60 8.03 -2.23 8.23
N VAL A 61 7.92 -1.58 7.13
CA VAL A 61 8.26 -2.19 5.88
C VAL A 61 9.16 -1.25 5.09
N PHE A 62 9.57 -0.21 5.76
CA PHE A 62 10.26 0.84 5.20
C PHE A 62 11.66 0.87 5.77
N GLY A 1 -9.35 7.68 18.57
CA GLY A 1 -8.39 6.64 18.27
C GLY A 1 -7.52 7.02 17.10
N SER A 2 -6.82 6.08 16.57
CA SER A 2 -5.98 6.31 15.45
C SER A 2 -6.79 6.14 14.17
N THR A 3 -6.53 6.96 13.15
CA THR A 3 -7.23 6.87 11.89
C THR A 3 -6.90 5.54 11.25
N PHE A 4 -5.64 5.21 11.26
CA PHE A 4 -5.16 3.98 10.74
C PHE A 4 -4.71 3.13 11.89
N GLY A 5 -5.38 2.02 12.06
CA GLY A 5 -4.99 1.05 13.04
C GLY A 5 -4.49 -0.15 12.30
N PRO A 6 -3.23 -0.14 11.89
CA PRO A 6 -2.69 -1.13 11.00
C PRO A 6 -2.25 -2.44 11.67
N LYS A 7 -3.19 -3.11 12.30
CA LYS A 7 -3.01 -4.35 12.90
C LYS A 7 -2.77 -5.42 11.84
N ASP A 8 -3.72 -5.54 10.94
CA ASP A 8 -3.70 -6.52 9.85
C ASP A 8 -3.10 -5.87 8.62
N ILE A 9 -2.83 -4.60 8.75
CA ILE A 9 -2.33 -3.81 7.65
C ILE A 9 -0.82 -3.67 7.74
N LYS A 10 -0.37 -3.07 8.83
CA LYS A 10 1.03 -2.74 9.14
C LYS A 10 1.52 -1.54 8.32
N CYS A 11 1.35 -1.61 7.02
CA CYS A 11 1.71 -0.52 6.15
C CYS A 11 0.62 -0.35 5.15
N GLU A 12 0.23 0.84 4.92
CA GLU A 12 -0.71 1.13 3.88
C GLU A 12 -0.18 2.30 3.15
N ALA A 13 -0.01 2.15 1.90
CA ALA A 13 0.53 3.18 1.09
C ALA A 13 -0.50 3.59 0.12
N TYR A 14 -0.43 4.79 -0.33
CA TYR A 14 -1.26 5.19 -1.36
C TYR A 14 -0.43 5.42 -2.52
N TYR A 15 -1.06 5.45 -3.59
CA TYR A 15 -0.45 5.76 -4.84
C TYR A 15 -1.47 6.32 -5.76
N MET A 16 -1.14 7.40 -6.38
CA MET A 16 -2.02 8.00 -7.33
C MET A 16 -1.57 7.68 -8.72
N GLN A 17 -2.50 7.66 -9.60
CA GLN A 17 -2.27 7.39 -10.96
C GLN A 17 -2.76 8.57 -11.77
N ASP A 18 -2.12 9.72 -11.55
CA ASP A 18 -2.40 10.98 -12.28
C ASP A 18 -3.69 11.70 -11.83
N HIS A 19 -4.52 10.97 -11.18
CA HIS A 19 -5.81 11.50 -10.76
C HIS A 19 -6.44 10.64 -9.65
N VAL A 20 -6.28 9.35 -9.75
CA VAL A 20 -6.89 8.44 -8.78
C VAL A 20 -5.86 7.95 -7.79
N LYS A 21 -6.07 8.22 -6.52
CA LYS A 21 -5.23 7.73 -5.47
C LYS A 21 -5.93 6.58 -4.80
N TYR A 22 -5.22 5.53 -4.55
CA TYR A 22 -5.84 4.39 -3.95
C TYR A 22 -5.03 3.83 -2.81
N LYS A 23 -5.81 3.25 -1.91
CA LYS A 23 -5.42 2.59 -0.68
C LYS A 23 -4.78 1.22 -0.95
N ALA A 24 -3.54 1.07 -0.62
CA ALA A 24 -2.88 -0.19 -0.81
C ALA A 24 -2.34 -0.73 0.47
N ASN A 25 -3.04 -1.72 0.92
CA ASN A 25 -2.70 -2.49 2.06
C ASN A 25 -1.37 -3.22 1.81
N VAL A 26 -0.30 -2.70 2.39
CA VAL A 26 1.05 -3.19 2.15
C VAL A 26 1.49 -4.13 3.25
N PHE A 27 1.86 -5.31 2.84
CA PHE A 27 2.32 -6.32 3.74
C PHE A 27 3.83 -6.36 3.74
N ASP A 28 4.44 -6.31 2.55
CA ASP A 28 5.88 -6.37 2.45
C ASP A 28 6.32 -5.76 1.13
N ARG A 29 7.58 -5.88 0.78
CA ARG A 29 8.12 -5.32 -0.42
C ARG A 29 9.17 -6.24 -1.06
N LYS A 30 9.35 -6.11 -2.35
CA LYS A 30 10.30 -6.91 -3.10
C LYS A 30 10.89 -6.10 -4.28
N GLY A 31 11.88 -5.31 -3.97
CA GLY A 31 12.50 -4.46 -4.96
C GLY A 31 11.63 -3.27 -5.28
N ASP A 32 11.24 -3.14 -6.53
CA ASP A 32 10.39 -2.02 -6.99
C ASP A 32 8.94 -2.42 -6.92
N MET A 33 8.72 -3.61 -6.50
CA MET A 33 7.42 -4.15 -6.41
C MET A 33 7.09 -4.28 -4.96
N PHE A 34 5.90 -4.02 -4.60
CA PHE A 34 5.50 -4.14 -3.29
C PHE A 34 4.58 -5.31 -3.21
N LEU A 35 4.24 -5.64 -2.05
CA LEU A 35 3.41 -6.77 -1.80
C LEU A 35 2.21 -6.29 -1.01
N VAL A 36 1.10 -6.24 -1.69
CA VAL A 36 -0.09 -5.68 -1.20
C VAL A 36 -1.29 -6.59 -1.39
N SER A 37 -2.42 -6.11 -1.00
CA SER A 37 -3.67 -6.74 -1.30
C SER A 37 -4.67 -5.62 -1.52
N PRO A 38 -4.69 -5.02 -2.74
CA PRO A 38 -5.61 -3.94 -3.06
C PRO A 38 -7.00 -4.51 -3.24
N ILE A 39 -7.01 -5.70 -3.77
CA ILE A 39 -8.20 -6.45 -3.98
C ILE A 39 -8.36 -7.39 -2.81
N MET A 40 -9.57 -7.73 -2.49
CA MET A 40 -9.81 -8.62 -1.40
C MET A 40 -10.12 -9.98 -1.95
N ALA A 41 -9.11 -10.81 -1.93
CA ALA A 41 -9.18 -12.13 -2.46
C ALA A 41 -8.19 -13.00 -1.71
N TYR A 42 -8.25 -14.27 -1.92
CA TYR A 42 -7.33 -15.19 -1.29
C TYR A 42 -5.97 -15.08 -1.95
N GLY A 43 -5.01 -14.64 -1.19
CA GLY A 43 -3.69 -14.50 -1.69
C GLY A 43 -3.15 -13.11 -1.44
N SER A 44 -2.12 -12.77 -2.14
CA SER A 44 -1.53 -11.47 -2.09
C SER A 44 -1.22 -11.02 -3.52
N PHE A 45 -1.16 -9.75 -3.73
CA PHE A 45 -0.99 -9.19 -5.06
C PHE A 45 0.24 -8.30 -5.05
N TRP A 46 1.01 -8.33 -6.08
CA TRP A 46 2.16 -7.48 -6.10
C TRP A 46 1.88 -6.28 -6.97
N ALA A 47 2.34 -5.15 -6.57
CA ALA A 47 2.13 -3.95 -7.35
C ALA A 47 3.27 -2.98 -7.08
N PRO A 48 3.63 -2.11 -8.04
CA PRO A 48 4.66 -1.10 -7.85
C PRO A 48 4.15 0.07 -6.98
N VAL A 49 3.78 -0.27 -5.76
CA VAL A 49 3.24 0.66 -4.78
C VAL A 49 4.37 1.53 -4.23
N SER A 50 5.58 1.16 -4.60
CA SER A 50 6.81 1.87 -4.31
C SER A 50 6.78 3.30 -4.93
N TYR A 51 5.78 3.52 -5.79
CA TYR A 51 5.54 4.78 -6.46
C TYR A 51 4.74 5.73 -5.52
N PHE A 52 4.61 5.33 -4.23
CA PHE A 52 3.96 6.14 -3.21
C PHE A 52 4.57 7.54 -3.16
N THR A 53 3.77 8.53 -3.43
CA THR A 53 4.24 9.90 -3.33
C THR A 53 3.32 10.69 -2.46
N GLU A 54 2.43 9.98 -1.82
CA GLU A 54 1.39 10.54 -1.12
C GLU A 54 1.64 10.33 0.35
N GLY A 55 1.73 9.09 0.72
CA GLY A 55 2.06 8.75 2.03
C GLY A 55 1.59 7.42 2.33
N ASN A 56 2.25 6.88 3.26
CA ASN A 56 2.02 5.55 3.75
C ASN A 56 1.86 5.60 5.26
N THR A 57 1.60 4.46 5.85
CA THR A 57 1.30 4.35 7.31
C THR A 57 2.04 3.17 7.99
N CYS A 58 3.10 2.73 7.38
CA CYS A 58 3.91 1.65 7.79
C CYS A 58 4.56 1.90 9.15
N GLU A 59 4.13 1.15 10.15
CA GLU A 59 4.52 1.37 11.53
C GLU A 59 5.49 0.33 11.99
N GLY A 60 5.72 -0.65 11.16
CA GLY A 60 6.58 -1.73 11.57
C GLY A 60 7.71 -1.95 10.63
N VAL A 61 7.76 -1.15 9.61
CA VAL A 61 8.77 -1.30 8.57
C VAL A 61 9.62 -0.03 8.55
N PHE A 62 9.40 0.73 9.54
CA PHE A 62 9.92 2.00 9.73
C PHE A 62 10.14 2.10 11.21
N GLY A 1 1.29 9.74 9.24
CA GLY A 1 0.27 10.05 8.26
C GLY A 1 -1.09 9.65 8.75
N SER A 2 -2.02 10.58 8.74
CA SER A 2 -3.35 10.31 9.18
C SER A 2 -4.13 9.51 8.13
N THR A 3 -4.10 8.21 8.29
CA THR A 3 -4.80 7.30 7.43
C THR A 3 -4.92 5.99 8.19
N PHE A 4 -6.10 5.41 8.20
CA PHE A 4 -6.36 4.24 9.02
C PHE A 4 -6.91 3.09 8.21
N GLY A 5 -6.26 2.84 7.12
CA GLY A 5 -6.61 1.78 6.27
C GLY A 5 -6.00 0.45 6.70
N PRO A 6 -4.71 0.40 7.21
CA PRO A 6 -4.14 -0.83 7.74
C PRO A 6 -4.82 -1.27 9.04
N LYS A 7 -6.01 -1.78 8.88
CA LYS A 7 -6.78 -2.37 9.87
C LYS A 7 -6.07 -3.60 10.41
N ASP A 8 -5.87 -4.55 9.53
CA ASP A 8 -5.14 -5.79 9.84
C ASP A 8 -3.85 -5.86 9.05
N ILE A 9 -3.65 -4.86 8.21
CA ILE A 9 -2.54 -4.88 7.28
C ILE A 9 -1.21 -4.42 7.97
N LYS A 10 -0.59 -3.35 7.48
CA LYS A 10 0.70 -2.90 8.04
C LYS A 10 1.11 -1.61 7.35
N CYS A 11 1.11 -1.62 6.04
CA CYS A 11 1.50 -0.48 5.27
C CYS A 11 0.33 -0.05 4.40
N GLU A 12 0.34 1.17 4.00
CA GLU A 12 -0.64 1.73 3.13
C GLU A 12 -0.08 3.00 2.63
N ALA A 13 -0.18 3.21 1.37
CA ALA A 13 0.34 4.35 0.70
C ALA A 13 -0.69 4.85 -0.24
N TYR A 14 -0.63 6.08 -0.59
CA TYR A 14 -1.43 6.57 -1.62
C TYR A 14 -0.58 6.96 -2.72
N TYR A 15 -1.17 6.96 -3.82
CA TYR A 15 -0.52 7.33 -5.03
C TYR A 15 -1.56 7.56 -6.08
N MET A 16 -1.34 8.53 -6.93
CA MET A 16 -2.20 8.70 -8.06
C MET A 16 -1.95 7.55 -9.01
N GLN A 17 -2.97 7.07 -9.51
CA GLN A 17 -2.98 5.93 -10.33
C GLN A 17 -3.49 6.35 -11.68
N ASP A 18 -2.72 7.24 -12.29
CA ASP A 18 -2.94 7.79 -13.64
C ASP A 18 -3.91 8.96 -13.64
N HIS A 19 -4.80 8.91 -12.71
CA HIS A 19 -5.80 9.94 -12.54
C HIS A 19 -6.33 9.99 -11.11
N VAL A 20 -6.44 8.86 -10.47
CA VAL A 20 -7.07 8.81 -9.16
C VAL A 20 -6.06 8.46 -8.10
N LYS A 21 -5.99 9.26 -7.06
CA LYS A 21 -5.18 8.97 -5.92
C LYS A 21 -5.91 8.00 -5.07
N TYR A 22 -5.34 6.85 -4.90
CA TYR A 22 -6.01 5.79 -4.26
C TYR A 22 -5.18 5.24 -3.13
N LYS A 23 -5.92 4.67 -2.22
CA LYS A 23 -5.50 4.00 -1.02
C LYS A 23 -4.94 2.63 -1.40
N ALA A 24 -3.69 2.42 -1.16
CA ALA A 24 -3.07 1.19 -1.51
C ALA A 24 -2.66 0.44 -0.30
N ASN A 25 -3.20 -0.72 -0.22
CA ASN A 25 -3.07 -1.60 0.86
C ASN A 25 -1.77 -2.36 0.70
N VAL A 26 -0.74 -1.93 1.38
CA VAL A 26 0.57 -2.49 1.21
C VAL A 26 0.90 -3.45 2.35
N PHE A 27 1.34 -4.60 2.01
CA PHE A 27 1.66 -5.58 2.99
C PHE A 27 3.12 -5.44 3.37
N ASP A 28 4.00 -5.39 2.37
CA ASP A 28 5.43 -5.26 2.64
C ASP A 28 6.18 -4.99 1.35
N ARG A 29 7.50 -4.97 1.38
CA ARG A 29 8.24 -4.68 0.18
C ARG A 29 8.96 -5.90 -0.36
N LYS A 30 9.15 -5.94 -1.66
CA LYS A 30 9.79 -7.04 -2.33
C LYS A 30 10.78 -6.47 -3.33
N GLY A 31 11.87 -5.95 -2.82
CA GLY A 31 12.84 -5.33 -3.66
C GLY A 31 12.45 -3.92 -4.03
N ASP A 32 12.24 -3.69 -5.29
CA ASP A 32 11.89 -2.36 -5.81
C ASP A 32 10.40 -2.24 -6.04
N MET A 33 9.72 -3.30 -5.77
CA MET A 33 8.31 -3.41 -5.94
C MET A 33 7.77 -3.85 -4.62
N PHE A 34 6.62 -3.45 -4.28
CA PHE A 34 6.09 -3.78 -3.07
C PHE A 34 4.98 -4.78 -3.25
N LEU A 35 4.55 -5.28 -2.18
CA LEU A 35 3.52 -6.28 -2.10
C LEU A 35 2.27 -5.52 -1.70
N VAL A 36 1.40 -5.24 -2.66
CA VAL A 36 0.24 -4.38 -2.43
C VAL A 36 -0.97 -4.96 -3.12
N SER A 37 -2.11 -4.60 -2.63
CA SER A 37 -3.32 -4.95 -3.28
C SER A 37 -4.18 -3.70 -3.53
N PRO A 38 -4.06 -3.08 -4.73
CA PRO A 38 -4.96 -2.00 -5.18
C PRO A 38 -6.27 -2.63 -5.65
N ILE A 39 -6.18 -3.90 -5.87
CA ILE A 39 -7.22 -4.80 -6.21
C ILE A 39 -6.86 -6.06 -5.48
N MET A 40 -7.78 -6.71 -4.84
CA MET A 40 -7.41 -7.87 -4.05
C MET A 40 -7.61 -9.15 -4.81
N ALA A 41 -6.80 -10.11 -4.49
CA ALA A 41 -6.79 -11.38 -5.17
C ALA A 41 -6.53 -12.47 -4.15
N TYR A 42 -6.65 -13.70 -4.58
CA TYR A 42 -6.34 -14.83 -3.72
C TYR A 42 -4.82 -14.91 -3.57
N GLY A 43 -4.14 -14.66 -4.67
CA GLY A 43 -2.71 -14.56 -4.66
C GLY A 43 -2.33 -13.12 -4.55
N SER A 44 -1.57 -12.79 -3.53
CA SER A 44 -1.21 -11.41 -3.27
C SER A 44 -0.38 -10.81 -4.43
N PHE A 45 -0.89 -9.73 -4.98
CA PHE A 45 -0.30 -9.05 -6.11
C PHE A 45 0.78 -8.05 -5.62
N TRP A 46 1.42 -7.36 -6.53
CA TRP A 46 2.46 -6.44 -6.21
C TRP A 46 2.16 -5.08 -6.82
N ALA A 47 2.73 -4.05 -6.27
CA ALA A 47 2.58 -2.71 -6.82
C ALA A 47 3.75 -1.83 -6.39
N PRO A 48 4.19 -0.90 -7.24
CA PRO A 48 5.27 0.02 -6.90
C PRO A 48 4.76 1.10 -5.93
N VAL A 49 5.30 1.09 -4.73
CA VAL A 49 4.87 2.00 -3.67
C VAL A 49 5.80 3.19 -3.51
N SER A 50 6.98 3.09 -4.09
CA SER A 50 7.95 4.18 -4.05
C SER A 50 7.43 5.37 -4.93
N TYR A 51 6.36 5.08 -5.65
CA TYR A 51 5.70 6.03 -6.54
C TYR A 51 4.62 6.82 -5.75
N PHE A 52 4.62 6.67 -4.41
CA PHE A 52 3.67 7.33 -3.51
C PHE A 52 3.67 8.83 -3.72
N THR A 53 2.51 9.41 -3.78
CA THR A 53 2.42 10.82 -4.07
C THR A 53 1.70 11.59 -2.98
N GLU A 54 1.49 10.96 -1.85
CA GLU A 54 0.76 11.60 -0.80
C GLU A 54 1.37 11.19 0.52
N GLY A 55 1.14 9.96 0.91
CA GLY A 55 1.73 9.47 2.06
C GLY A 55 1.29 8.13 2.38
N ASN A 56 2.06 7.55 3.20
CA ASN A 56 1.91 6.19 3.66
C ASN A 56 1.76 6.17 5.18
N THR A 57 1.83 4.98 5.77
CA THR A 57 1.77 4.83 7.23
C THR A 57 2.48 3.54 7.72
N CYS A 58 3.28 2.98 6.84
CA CYS A 58 4.07 1.83 7.01
C CYS A 58 5.11 2.06 8.06
N GLU A 59 5.06 1.31 9.13
CA GLU A 59 6.02 1.47 10.18
C GLU A 59 6.83 0.20 10.35
N GLY A 60 6.21 -0.92 10.07
CA GLY A 60 6.88 -2.21 10.18
C GLY A 60 7.69 -2.52 8.97
N VAL A 61 7.82 -1.55 8.13
CA VAL A 61 8.65 -1.67 6.98
C VAL A 61 9.82 -0.68 7.12
N PHE A 62 9.74 0.16 8.13
CA PHE A 62 10.62 1.19 8.36
C PHE A 62 11.76 0.70 9.24
N GLY A 1 -12.04 5.91 7.16
CA GLY A 1 -12.25 5.55 8.55
C GLY A 1 -11.23 6.22 9.42
N SER A 2 -11.68 6.99 10.39
CA SER A 2 -10.78 7.68 11.27
C SER A 2 -10.27 6.75 12.36
N THR A 3 -9.44 5.83 11.97
CA THR A 3 -8.85 4.90 12.86
C THR A 3 -7.48 4.53 12.32
N PHE A 4 -6.47 4.95 13.02
CA PHE A 4 -5.13 4.62 12.66
C PHE A 4 -4.66 3.49 13.54
N GLY A 5 -4.90 2.31 13.06
CA GLY A 5 -4.53 1.12 13.74
C GLY A 5 -4.06 0.14 12.71
N PRO A 6 -2.80 0.28 12.25
CA PRO A 6 -2.26 -0.51 11.18
C PRO A 6 -1.81 -1.90 11.63
N LYS A 7 -2.71 -2.58 12.33
CA LYS A 7 -2.54 -3.85 12.89
C LYS A 7 -2.05 -4.86 11.86
N ASP A 8 -2.84 -5.07 10.84
CA ASP A 8 -2.50 -6.00 9.78
C ASP A 8 -2.46 -5.22 8.48
N ILE A 9 -2.43 -3.92 8.64
CA ILE A 9 -2.32 -3.04 7.52
C ILE A 9 -0.86 -2.79 7.33
N LYS A 10 -0.24 -2.20 8.38
CA LYS A 10 1.19 -1.90 8.44
C LYS A 10 1.56 -0.76 7.51
N CYS A 11 1.26 -0.93 6.27
CA CYS A 11 1.40 0.12 5.31
C CYS A 11 0.15 0.30 4.45
N GLU A 12 -0.08 1.50 4.03
CA GLU A 12 -1.10 1.85 3.10
C GLU A 12 -0.57 3.03 2.32
N ALA A 13 -0.51 2.87 1.06
CA ALA A 13 0.04 3.83 0.19
C ALA A 13 -1.04 4.41 -0.67
N TYR A 14 -0.74 5.44 -1.37
CA TYR A 14 -1.66 6.03 -2.27
C TYR A 14 -0.98 6.23 -3.52
N TYR A 15 -1.74 6.33 -4.49
CA TYR A 15 -1.27 6.50 -5.80
C TYR A 15 -2.32 7.21 -6.57
N MET A 16 -1.90 8.08 -7.40
CA MET A 16 -2.81 8.68 -8.30
C MET A 16 -2.75 7.93 -9.61
N GLN A 17 -3.79 7.98 -10.33
CA GLN A 17 -3.89 7.30 -11.58
C GLN A 17 -4.38 8.29 -12.60
N ASP A 18 -3.57 9.34 -12.79
CA ASP A 18 -3.78 10.45 -13.76
C ASP A 18 -4.88 11.41 -13.35
N HIS A 19 -5.76 10.95 -12.55
CA HIS A 19 -6.92 11.71 -12.18
C HIS A 19 -7.40 11.41 -10.76
N VAL A 20 -7.23 10.20 -10.31
CA VAL A 20 -7.77 9.82 -8.99
C VAL A 20 -6.67 9.27 -8.10
N LYS A 21 -6.63 9.72 -6.86
CA LYS A 21 -5.74 9.18 -5.87
C LYS A 21 -6.50 8.17 -5.05
N TYR A 22 -5.97 7.00 -4.94
CA TYR A 22 -6.62 5.99 -4.17
C TYR A 22 -5.62 5.24 -3.35
N LYS A 23 -6.12 4.65 -2.31
CA LYS A 23 -5.32 3.99 -1.33
C LYS A 23 -5.12 2.52 -1.70
N ALA A 24 -4.00 2.00 -1.29
CA ALA A 24 -3.62 0.63 -1.49
C ALA A 24 -3.00 0.11 -0.21
N ASN A 25 -3.45 -1.01 0.26
CA ASN A 25 -2.96 -1.57 1.51
C ASN A 25 -1.77 -2.47 1.25
N VAL A 26 -0.66 -2.03 1.78
CA VAL A 26 0.62 -2.59 1.53
C VAL A 26 1.06 -3.46 2.70
N PHE A 27 1.21 -4.72 2.43
CA PHE A 27 1.55 -5.70 3.42
C PHE A 27 3.01 -5.66 3.74
N ASP A 28 3.85 -5.73 2.72
CA ASP A 28 5.30 -5.76 2.96
C ASP A 28 6.01 -5.67 1.64
N ARG A 29 7.31 -5.90 1.62
CA ARG A 29 8.02 -5.76 0.39
C ARG A 29 8.61 -7.05 -0.15
N LYS A 30 8.92 -6.99 -1.42
CA LYS A 30 9.56 -8.03 -2.17
C LYS A 30 10.59 -7.34 -3.05
N GLY A 31 11.73 -7.09 -2.47
CA GLY A 31 12.75 -6.33 -3.14
C GLY A 31 12.40 -4.85 -3.07
N ASP A 32 12.27 -4.21 -4.21
CA ASP A 32 11.89 -2.80 -4.27
C ASP A 32 10.40 -2.65 -4.51
N MET A 33 9.79 -3.75 -4.80
CA MET A 33 8.40 -3.82 -5.07
C MET A 33 7.71 -4.22 -3.83
N PHE A 34 6.47 -3.96 -3.73
CA PHE A 34 5.80 -4.28 -2.57
C PHE A 34 4.65 -5.23 -2.82
N LEU A 35 4.12 -5.73 -1.76
CA LEU A 35 3.00 -6.62 -1.73
C LEU A 35 1.79 -5.85 -1.29
N VAL A 36 0.81 -5.77 -2.16
CA VAL A 36 -0.45 -5.10 -1.90
C VAL A 36 -1.56 -6.01 -2.35
N SER A 37 -2.54 -6.18 -1.54
CA SER A 37 -3.67 -7.04 -1.89
C SER A 37 -4.92 -6.52 -1.18
N PRO A 38 -5.93 -6.09 -1.94
CA PRO A 38 -7.17 -5.56 -1.37
C PRO A 38 -8.04 -6.67 -0.77
N ILE A 39 -9.31 -6.36 -0.54
CA ILE A 39 -10.23 -7.34 -0.03
C ILE A 39 -10.60 -8.31 -1.17
N MET A 40 -9.90 -9.41 -1.18
CA MET A 40 -10.01 -10.44 -2.17
C MET A 40 -9.19 -11.58 -1.61
N ALA A 41 -9.24 -12.74 -2.24
CA ALA A 41 -8.41 -13.84 -1.84
C ALA A 41 -6.96 -13.47 -2.13
N TYR A 42 -6.22 -13.29 -1.07
CA TYR A 42 -4.86 -12.82 -1.13
C TYR A 42 -3.92 -13.83 -1.76
N GLY A 43 -3.08 -13.34 -2.61
CA GLY A 43 -2.11 -14.14 -3.28
C GLY A 43 -0.91 -13.30 -3.53
N SER A 44 -0.21 -13.55 -4.58
CA SER A 44 0.92 -12.75 -4.90
C SER A 44 0.52 -11.60 -5.80
N PHE A 45 0.09 -10.53 -5.19
CA PHE A 45 -0.22 -9.32 -5.88
C PHE A 45 0.82 -8.31 -5.47
N TRP A 46 1.49 -7.75 -6.41
CA TRP A 46 2.53 -6.82 -6.12
C TRP A 46 2.17 -5.45 -6.64
N ALA A 47 2.76 -4.47 -6.04
CA ALA A 47 2.58 -3.11 -6.46
C ALA A 47 3.90 -2.38 -6.31
N PRO A 48 4.25 -1.51 -7.27
CA PRO A 48 5.45 -0.70 -7.18
C PRO A 48 5.21 0.48 -6.23
N VAL A 49 5.04 0.13 -4.97
CA VAL A 49 4.68 1.08 -3.91
C VAL A 49 5.73 2.19 -3.69
N SER A 50 6.91 1.99 -4.20
CA SER A 50 7.94 3.01 -4.14
C SER A 50 7.54 4.21 -5.06
N TYR A 51 6.66 3.94 -6.02
CA TYR A 51 6.16 4.92 -6.95
C TYR A 51 4.88 5.59 -6.38
N PHE A 52 4.48 5.20 -5.18
CA PHE A 52 3.33 5.77 -4.55
C PHE A 52 3.75 7.01 -3.78
N THR A 53 4.11 8.03 -4.53
CA THR A 53 4.65 9.28 -4.01
C THR A 53 3.57 10.22 -3.53
N GLU A 54 2.42 9.69 -3.31
CA GLU A 54 1.29 10.40 -2.95
C GLU A 54 1.19 10.39 -1.44
N GLY A 55 1.73 9.36 -0.89
CA GLY A 55 1.88 9.23 0.51
C GLY A 55 1.48 7.92 0.95
N ASN A 56 2.20 7.47 1.88
CA ASN A 56 2.06 6.16 2.43
C ASN A 56 2.11 6.25 3.94
N THR A 57 2.13 5.11 4.56
CA THR A 57 2.18 5.03 6.00
C THR A 57 2.77 3.67 6.40
N CYS A 58 3.81 3.25 5.68
CA CYS A 58 4.48 2.03 5.95
C CYS A 58 5.25 2.15 7.24
N GLU A 59 4.67 1.67 8.32
CA GLU A 59 5.28 1.85 9.61
C GLU A 59 5.95 0.59 10.04
N GLY A 60 5.44 -0.49 9.52
CA GLY A 60 5.97 -1.78 9.84
C GLY A 60 7.08 -2.17 8.91
N VAL A 61 7.57 -1.20 8.22
CA VAL A 61 8.74 -1.36 7.40
C VAL A 61 9.72 -0.20 7.65
N PHE A 62 9.36 0.67 8.58
CA PHE A 62 10.09 1.83 8.80
C PHE A 62 10.61 1.83 10.23
N GLY A 1 -17.59 6.84 9.62
CA GLY A 1 -16.21 6.39 9.79
C GLY A 1 -16.16 5.09 10.52
N SER A 2 -15.00 4.55 10.67
CA SER A 2 -14.78 3.29 11.35
C SER A 2 -13.53 3.48 12.17
N THR A 3 -13.22 2.59 13.06
CA THR A 3 -11.99 2.72 13.79
C THR A 3 -10.82 2.42 12.83
N PHE A 4 -9.90 3.32 12.75
CA PHE A 4 -8.76 3.14 11.90
C PHE A 4 -7.72 2.37 12.67
N GLY A 5 -7.59 1.10 12.35
CA GLY A 5 -6.67 0.27 13.06
C GLY A 5 -5.89 -0.58 12.12
N PRO A 6 -4.75 -0.09 11.61
CA PRO A 6 -3.97 -0.80 10.64
C PRO A 6 -3.08 -1.90 11.28
N LYS A 7 -3.70 -2.99 11.68
CA LYS A 7 -3.08 -4.08 12.24
C LYS A 7 -2.39 -4.89 11.18
N ASP A 8 -3.20 -5.36 10.24
CA ASP A 8 -2.76 -6.19 9.13
C ASP A 8 -2.28 -5.29 8.05
N ILE A 9 -2.77 -4.08 8.11
CA ILE A 9 -2.55 -3.11 7.10
C ILE A 9 -1.15 -2.53 7.24
N LYS A 10 -0.97 -1.72 8.30
CA LYS A 10 0.32 -1.11 8.66
C LYS A 10 0.77 -0.01 7.66
N CYS A 11 0.68 -0.29 6.40
CA CYS A 11 1.06 0.65 5.38
C CYS A 11 -0.10 0.89 4.41
N GLU A 12 -0.23 2.09 3.99
CA GLU A 12 -1.15 2.49 2.96
C GLU A 12 -0.51 3.65 2.26
N ALA A 13 -0.38 3.54 1.00
CA ALA A 13 0.30 4.53 0.22
C ALA A 13 -0.62 5.07 -0.82
N TYR A 14 -0.28 6.20 -1.38
CA TYR A 14 -1.05 6.71 -2.43
C TYR A 14 -0.23 6.86 -3.66
N TYR A 15 -0.94 6.88 -4.69
CA TYR A 15 -0.48 7.05 -6.04
C TYR A 15 -1.71 7.24 -6.87
N MET A 16 -1.66 8.07 -7.85
CA MET A 16 -2.78 8.16 -8.75
C MET A 16 -2.76 6.97 -9.68
N GLN A 17 -3.90 6.57 -10.11
CA GLN A 17 -4.02 5.38 -10.93
C GLN A 17 -4.51 5.77 -12.33
N ASP A 18 -4.55 7.06 -12.55
CA ASP A 18 -5.03 7.67 -13.79
C ASP A 18 -4.76 9.12 -13.69
N HIS A 19 -5.55 9.72 -12.88
CA HIS A 19 -5.45 11.10 -12.51
C HIS A 19 -6.26 11.30 -11.23
N VAL A 20 -6.45 10.19 -10.53
CA VAL A 20 -7.21 10.13 -9.30
C VAL A 20 -6.28 9.50 -8.30
N LYS A 21 -6.08 10.13 -7.17
CA LYS A 21 -5.18 9.59 -6.18
C LYS A 21 -5.85 8.43 -5.48
N TYR A 22 -5.18 7.32 -5.45
CA TYR A 22 -5.75 6.15 -4.90
C TYR A 22 -4.94 5.60 -3.78
N LYS A 23 -5.67 5.10 -2.87
CA LYS A 23 -5.19 4.57 -1.65
C LYS A 23 -5.00 3.06 -1.75
N ALA A 24 -3.81 2.62 -1.55
CA ALA A 24 -3.51 1.24 -1.64
C ALA A 24 -2.84 0.80 -0.37
N ASN A 25 -3.38 -0.21 0.23
CA ASN A 25 -2.88 -0.73 1.49
C ASN A 25 -1.76 -1.71 1.25
N VAL A 26 -0.63 -1.34 1.75
CA VAL A 26 0.58 -2.06 1.52
C VAL A 26 0.93 -2.85 2.76
N PHE A 27 1.39 -4.04 2.58
CA PHE A 27 1.69 -4.89 3.70
C PHE A 27 3.18 -4.87 4.00
N ASP A 28 4.01 -5.17 3.01
CA ASP A 28 5.45 -5.17 3.21
C ASP A 28 6.15 -4.88 1.89
N ARG A 29 7.44 -4.85 1.87
CA ARG A 29 8.18 -4.53 0.68
C ARG A 29 9.10 -5.67 0.23
N LYS A 30 9.62 -5.53 -0.95
CA LYS A 30 10.63 -6.38 -1.50
C LYS A 30 11.47 -5.55 -2.48
N GLY A 31 12.39 -4.80 -1.92
CA GLY A 31 13.17 -3.89 -2.73
C GLY A 31 12.37 -2.63 -2.96
N ASP A 32 12.20 -2.25 -4.21
CA ASP A 32 11.40 -1.09 -4.53
C ASP A 32 10.03 -1.48 -5.01
N MET A 33 9.78 -2.75 -4.95
CA MET A 33 8.49 -3.28 -5.25
C MET A 33 7.90 -3.62 -3.94
N PHE A 34 6.69 -3.29 -3.74
CA PHE A 34 6.10 -3.52 -2.57
C PHE A 34 4.99 -4.49 -2.75
N LEU A 35 4.56 -4.99 -1.67
CA LEU A 35 3.55 -5.98 -1.61
C LEU A 35 2.30 -5.31 -1.06
N VAL A 36 1.40 -5.03 -1.97
CA VAL A 36 0.21 -4.23 -1.71
C VAL A 36 -0.98 -4.81 -2.42
N SER A 37 -2.01 -5.07 -1.69
CA SER A 37 -3.20 -5.59 -2.25
C SER A 37 -4.37 -4.87 -1.61
N PRO A 38 -4.98 -3.89 -2.34
CA PRO A 38 -6.18 -3.18 -1.87
C PRO A 38 -7.19 -4.13 -1.24
N ILE A 39 -7.73 -3.74 -0.10
CA ILE A 39 -8.69 -4.57 0.65
C ILE A 39 -9.95 -4.89 -0.14
N MET A 40 -9.83 -6.00 -0.81
CA MET A 40 -10.79 -6.62 -1.66
C MET A 40 -10.18 -7.99 -1.92
N ALA A 41 -10.88 -8.90 -2.51
CA ALA A 41 -10.35 -10.24 -2.65
C ALA A 41 -10.06 -10.64 -4.08
N TYR A 42 -8.79 -10.67 -4.44
CA TYR A 42 -8.38 -11.19 -5.73
C TYR A 42 -7.03 -11.89 -5.66
N GLY A 43 -6.42 -11.92 -4.47
CA GLY A 43 -5.17 -12.62 -4.32
C GLY A 43 -4.12 -11.82 -3.57
N SER A 44 -2.97 -11.72 -4.17
CA SER A 44 -1.86 -11.03 -3.60
C SER A 44 -1.12 -10.31 -4.70
N PHE A 45 -1.19 -9.02 -4.68
CA PHE A 45 -0.62 -8.20 -5.73
C PHE A 45 0.57 -7.43 -5.18
N TRP A 46 1.44 -7.03 -6.06
CA TRP A 46 2.58 -6.26 -5.71
C TRP A 46 2.62 -5.05 -6.63
N ALA A 47 3.25 -4.00 -6.20
CA ALA A 47 3.32 -2.77 -6.99
C ALA A 47 4.47 -1.90 -6.50
N PRO A 48 5.08 -1.09 -7.38
CA PRO A 48 6.15 -0.18 -6.97
C PRO A 48 5.65 0.98 -6.10
N VAL A 49 5.51 0.73 -4.81
CA VAL A 49 5.07 1.74 -3.85
C VAL A 49 6.19 2.76 -3.59
N SER A 50 7.39 2.42 -4.04
CA SER A 50 8.55 3.32 -3.96
C SER A 50 8.29 4.61 -4.79
N TYR A 51 7.29 4.54 -5.65
CA TYR A 51 6.91 5.62 -6.52
C TYR A 51 5.91 6.58 -5.80
N PHE A 52 5.73 6.41 -4.48
CA PHE A 52 4.87 7.29 -3.70
C PHE A 52 5.37 8.73 -3.80
N THR A 53 4.49 9.64 -4.14
CA THR A 53 4.87 11.03 -4.24
C THR A 53 3.93 11.90 -3.43
N GLU A 54 3.30 11.32 -2.42
CA GLU A 54 2.29 12.05 -1.69
C GLU A 54 2.44 11.75 -0.20
N GLY A 55 2.13 10.52 0.20
CA GLY A 55 2.32 10.14 1.55
C GLY A 55 1.69 8.89 1.81
N ASN A 56 2.25 8.21 2.70
CA ASN A 56 1.83 6.91 3.07
C ASN A 56 1.74 6.82 4.60
N THR A 57 1.18 5.73 5.11
CA THR A 57 0.98 5.56 6.57
C THR A 57 1.94 4.53 7.18
N CYS A 58 2.77 4.02 6.36
CA CYS A 58 3.71 3.02 6.67
C CYS A 58 4.73 3.51 7.68
N GLU A 59 4.64 3.03 8.91
CA GLU A 59 5.54 3.46 9.96
C GLU A 59 6.52 2.36 10.32
N GLY A 60 6.07 1.13 10.23
CA GLY A 60 6.87 0.01 10.63
C GLY A 60 7.79 -0.47 9.55
N VAL A 61 7.58 0.04 8.36
CA VAL A 61 8.35 -0.39 7.22
C VAL A 61 9.50 0.60 7.01
N PHE A 62 9.52 1.61 7.83
CA PHE A 62 10.41 2.67 7.73
C PHE A 62 11.64 2.38 8.59
N GLY A 1 -6.44 3.55 7.42
CA GLY A 1 -7.33 4.34 6.57
C GLY A 1 -8.28 3.46 5.82
N SER A 2 -7.74 2.59 5.00
CA SER A 2 -8.55 1.65 4.27
C SER A 2 -8.92 0.58 5.23
N THR A 3 -7.93 0.15 5.93
CA THR A 3 -8.09 -0.78 6.98
C THR A 3 -8.15 0.02 8.27
N PHE A 4 -8.97 -0.41 9.21
CA PHE A 4 -9.11 0.29 10.50
C PHE A 4 -8.03 -0.13 11.49
N GLY A 5 -7.05 -0.80 10.98
CA GLY A 5 -5.96 -1.25 11.78
C GLY A 5 -5.01 -2.05 10.96
N PRO A 6 -3.94 -1.46 10.44
CA PRO A 6 -2.94 -2.17 9.63
C PRO A 6 -1.97 -2.97 10.51
N LYS A 7 -2.51 -3.80 11.37
CA LYS A 7 -1.84 -4.58 12.32
C LYS A 7 -0.76 -5.43 11.70
N ASP A 8 -1.17 -6.31 10.81
CA ASP A 8 -0.25 -7.23 10.15
C ASP A 8 0.12 -6.68 8.80
N ILE A 9 -0.43 -5.53 8.53
CA ILE A 9 -0.26 -4.86 7.28
C ILE A 9 1.00 -4.02 7.32
N LYS A 10 1.05 -3.13 8.30
CA LYS A 10 2.18 -2.23 8.57
C LYS A 10 2.23 -1.06 7.57
N CYS A 11 2.27 -1.32 6.29
CA CYS A 11 2.36 -0.22 5.34
C CYS A 11 1.11 -0.03 4.53
N GLU A 12 0.27 0.88 4.94
CA GLU A 12 -0.86 1.22 4.13
C GLU A 12 -0.58 2.59 3.56
N ALA A 13 -0.31 2.60 2.29
CA ALA A 13 0.17 3.75 1.59
C ALA A 13 -0.80 4.19 0.53
N TYR A 14 -0.56 5.33 -0.04
CA TYR A 14 -1.24 5.75 -1.21
C TYR A 14 -0.26 5.92 -2.27
N TYR A 15 -0.74 5.99 -3.43
CA TYR A 15 0.03 6.20 -4.62
C TYR A 15 -0.94 6.52 -5.71
N MET A 16 -0.62 7.46 -6.52
CA MET A 16 -1.44 7.75 -7.66
C MET A 16 -0.93 7.06 -8.89
N GLN A 17 -1.82 6.85 -9.81
CA GLN A 17 -1.55 6.23 -11.06
C GLN A 17 -1.86 7.21 -12.16
N ASP A 18 -1.11 8.32 -12.13
CA ASP A 18 -1.17 9.45 -13.11
C ASP A 18 -2.39 10.33 -12.89
N HIS A 19 -3.38 9.76 -12.33
CA HIS A 19 -4.62 10.42 -12.05
C HIS A 19 -5.23 9.97 -10.74
N VAL A 20 -5.35 8.68 -10.55
CA VAL A 20 -6.07 8.13 -9.41
C VAL A 20 -5.14 7.83 -8.27
N LYS A 21 -5.37 8.47 -7.15
CA LYS A 21 -4.64 8.18 -5.94
C LYS A 21 -5.39 7.10 -5.23
N TYR A 22 -4.74 6.01 -5.01
CA TYR A 22 -5.40 4.87 -4.49
C TYR A 22 -4.69 4.36 -3.30
N LYS A 23 -5.47 3.79 -2.45
CA LYS A 23 -5.03 3.29 -1.19
C LYS A 23 -4.49 1.85 -1.33
N ALA A 24 -3.43 1.58 -0.68
CA ALA A 24 -2.81 0.29 -0.77
C ALA A 24 -2.37 -0.19 0.59
N ASN A 25 -3.10 -1.13 1.13
CA ASN A 25 -2.69 -1.79 2.35
C ASN A 25 -1.71 -2.90 1.99
N VAL A 26 -0.47 -2.58 2.16
CA VAL A 26 0.65 -3.37 1.71
C VAL A 26 1.24 -4.23 2.81
N PHE A 27 1.54 -5.47 2.45
CA PHE A 27 2.02 -6.49 3.35
C PHE A 27 3.54 -6.69 3.24
N ASP A 28 4.09 -6.60 2.03
CA ASP A 28 5.53 -6.84 1.83
C ASP A 28 6.04 -6.02 0.66
N ARG A 29 7.34 -5.88 0.56
CA ARG A 29 7.96 -5.12 -0.49
C ARG A 29 8.82 -5.96 -1.42
N LYS A 30 8.75 -5.63 -2.68
CA LYS A 30 9.47 -6.31 -3.74
C LYS A 30 10.20 -5.25 -4.58
N GLY A 31 11.22 -4.66 -4.02
CA GLY A 31 11.97 -3.62 -4.71
C GLY A 31 11.17 -2.34 -4.86
N ASP A 32 10.77 -2.04 -6.09
CA ASP A 32 10.01 -0.81 -6.42
C ASP A 32 8.53 -1.14 -6.43
N MET A 33 8.25 -2.37 -6.16
CA MET A 33 6.94 -2.88 -6.16
C MET A 33 6.65 -3.35 -4.79
N PHE A 34 5.43 -3.47 -4.45
CA PHE A 34 5.05 -3.92 -3.24
C PHE A 34 3.99 -4.99 -3.42
N LEU A 35 3.64 -5.61 -2.36
CA LEU A 35 2.67 -6.69 -2.31
C LEU A 35 1.47 -6.21 -1.51
N VAL A 36 0.35 -6.05 -2.18
CA VAL A 36 -0.82 -5.42 -1.61
C VAL A 36 -2.12 -6.22 -1.89
N SER A 37 -3.09 -6.06 -1.02
CA SER A 37 -4.43 -6.58 -1.22
C SER A 37 -5.36 -5.45 -0.78
N PRO A 38 -5.56 -4.44 -1.66
CA PRO A 38 -6.22 -3.16 -1.29
C PRO A 38 -7.72 -3.25 -1.07
N ILE A 39 -8.28 -4.31 -1.52
CA ILE A 39 -9.67 -4.55 -1.38
C ILE A 39 -9.83 -5.72 -0.42
N MET A 40 -10.89 -5.73 0.37
CA MET A 40 -11.14 -6.85 1.26
C MET A 40 -11.55 -8.08 0.46
N ALA A 41 -10.55 -8.84 0.11
CA ALA A 41 -10.64 -10.04 -0.68
C ALA A 41 -9.28 -10.70 -0.58
N TYR A 42 -9.15 -11.91 -1.06
CA TYR A 42 -7.89 -12.63 -1.00
C TYR A 42 -7.05 -12.39 -2.24
N GLY A 43 -7.41 -11.37 -2.98
CA GLY A 43 -6.71 -11.04 -4.20
C GLY A 43 -5.51 -10.17 -3.94
N SER A 44 -4.50 -10.75 -3.35
CA SER A 44 -3.28 -10.06 -3.08
C SER A 44 -2.38 -10.12 -4.32
N PHE A 45 -1.94 -8.99 -4.78
CA PHE A 45 -1.13 -8.90 -5.97
C PHE A 45 -0.03 -7.88 -5.79
N TRP A 46 0.85 -7.77 -6.75
CA TRP A 46 1.90 -6.79 -6.63
C TRP A 46 1.47 -5.49 -7.28
N ALA A 47 1.85 -4.40 -6.70
CA ALA A 47 1.56 -3.10 -7.25
C ALA A 47 2.71 -2.17 -6.92
N PRO A 48 3.01 -1.18 -7.78
CA PRO A 48 4.06 -0.22 -7.51
C PRO A 48 3.60 0.82 -6.49
N VAL A 49 3.68 0.43 -5.24
CA VAL A 49 3.25 1.28 -4.15
C VAL A 49 4.43 2.13 -3.65
N SER A 50 5.64 1.83 -4.16
CA SER A 50 6.83 2.58 -3.78
C SER A 50 6.76 4.00 -4.39
N TYR A 51 5.77 4.18 -5.23
CA TYR A 51 5.42 5.44 -5.81
C TYR A 51 4.53 6.25 -4.81
N PHE A 52 4.46 5.78 -3.52
CA PHE A 52 3.73 6.46 -2.45
C PHE A 52 3.87 7.97 -2.51
N THR A 53 2.82 8.61 -2.90
CA THR A 53 2.81 10.01 -3.13
C THR A 53 1.84 10.80 -2.24
N GLU A 54 1.62 10.32 -1.03
CA GLU A 54 0.84 11.10 -0.10
C GLU A 54 1.36 10.87 1.31
N GLY A 55 0.93 9.78 1.91
CA GLY A 55 1.33 9.45 3.22
C GLY A 55 0.87 8.11 3.52
N ASN A 56 1.64 7.47 4.25
CA ASN A 56 1.43 6.09 4.52
C ASN A 56 1.37 5.88 6.03
N THR A 57 1.00 4.69 6.44
CA THR A 57 0.85 4.39 7.87
C THR A 57 2.04 3.60 8.40
N CYS A 58 3.06 3.55 7.61
CA CYS A 58 4.26 2.86 7.90
C CYS A 58 4.95 3.36 9.15
N GLU A 59 4.93 2.53 10.17
CA GLU A 59 5.56 2.81 11.43
C GLU A 59 6.80 1.96 11.52
N GLY A 60 6.60 0.69 11.22
CA GLY A 60 7.59 -0.34 11.40
C GLY A 60 8.61 -0.39 10.31
N VAL A 61 8.54 0.56 9.45
CA VAL A 61 9.52 0.72 8.41
C VAL A 61 10.56 1.73 8.89
N PHE A 62 10.16 2.55 9.85
CA PHE A 62 11.02 3.50 10.43
C PHE A 62 11.68 2.93 11.67
N GLY A 1 -11.06 5.94 2.93
CA GLY A 1 -10.53 4.87 2.09
C GLY A 1 -11.18 3.54 2.41
N SER A 2 -11.06 2.59 1.50
CA SER A 2 -11.65 1.26 1.62
C SER A 2 -11.05 0.48 2.80
N THR A 3 -9.82 0.75 3.04
CA THR A 3 -9.09 0.22 4.14
C THR A 3 -8.57 1.44 4.87
N PHE A 4 -8.51 1.41 6.18
CA PHE A 4 -8.17 2.58 6.93
C PHE A 4 -7.03 2.38 7.90
N GLY A 5 -6.20 1.42 7.66
CA GLY A 5 -5.16 1.16 8.59
C GLY A 5 -4.52 -0.18 8.40
N PRO A 6 -3.21 -0.21 8.20
CA PRO A 6 -2.46 -1.42 8.03
C PRO A 6 -1.96 -1.96 9.38
N LYS A 7 -2.91 -2.14 10.28
CA LYS A 7 -2.74 -2.58 11.58
C LYS A 7 -2.07 -3.95 11.61
N ASP A 8 -2.68 -4.88 10.94
CA ASP A 8 -2.16 -6.26 10.88
C ASP A 8 -1.32 -6.43 9.60
N ILE A 9 -1.16 -5.34 8.90
CA ILE A 9 -0.46 -5.34 7.64
C ILE A 9 0.96 -4.77 7.83
N LYS A 10 1.17 -3.48 7.45
CA LYS A 10 2.41 -2.74 7.70
C LYS A 10 2.37 -1.38 7.02
N CYS A 11 2.14 -1.35 5.74
CA CYS A 11 2.06 -0.06 5.07
C CYS A 11 0.77 0.04 4.32
N GLU A 12 0.42 1.24 4.03
CA GLU A 12 -0.69 1.55 3.22
C GLU A 12 -0.33 2.85 2.56
N ALA A 13 0.00 2.73 1.32
CA ALA A 13 0.47 3.78 0.49
C ALA A 13 -0.65 4.25 -0.37
N TYR A 14 -0.44 5.33 -1.04
CA TYR A 14 -1.39 5.84 -1.92
C TYR A 14 -0.74 6.14 -3.19
N TYR A 15 -1.55 6.43 -4.12
CA TYR A 15 -1.14 6.80 -5.43
C TYR A 15 -2.34 7.36 -6.14
N MET A 16 -2.12 8.37 -6.92
CA MET A 16 -3.18 8.90 -7.74
C MET A 16 -3.21 8.14 -9.02
N GLN A 17 -4.35 8.07 -9.62
CA GLN A 17 -4.48 7.35 -10.87
C GLN A 17 -4.57 8.32 -12.02
N ASP A 18 -4.83 9.56 -11.69
CA ASP A 18 -5.04 10.64 -12.65
C ASP A 18 -5.38 11.88 -11.88
N HIS A 19 -6.32 11.71 -11.03
CA HIS A 19 -6.81 12.76 -10.13
C HIS A 19 -7.31 12.19 -8.80
N VAL A 20 -7.52 10.89 -8.71
CA VAL A 20 -7.98 10.30 -7.48
C VAL A 20 -6.85 9.57 -6.82
N LYS A 21 -6.60 9.90 -5.57
CA LYS A 21 -5.56 9.26 -4.81
C LYS A 21 -6.19 8.14 -4.01
N TYR A 22 -5.83 6.94 -4.35
CA TYR A 22 -6.43 5.79 -3.77
C TYR A 22 -5.43 4.99 -2.97
N LYS A 23 -5.98 4.24 -2.06
CA LYS A 23 -5.26 3.42 -1.10
C LYS A 23 -4.65 2.17 -1.75
N ALA A 24 -3.52 1.75 -1.23
CA ALA A 24 -2.85 0.53 -1.60
C ALA A 24 -2.14 -0.04 -0.36
N ASN A 25 -2.56 -1.20 0.09
CA ASN A 25 -2.02 -1.79 1.32
C ASN A 25 -0.87 -2.69 1.01
N VAL A 26 0.20 -2.48 1.72
CA VAL A 26 1.44 -3.18 1.50
C VAL A 26 1.56 -4.32 2.48
N PHE A 27 1.52 -5.51 1.95
CA PHE A 27 1.57 -6.75 2.69
C PHE A 27 2.94 -6.93 3.30
N ASP A 28 3.95 -6.78 2.47
CA ASP A 28 5.35 -6.96 2.89
C ASP A 28 6.21 -6.45 1.76
N ARG A 29 7.50 -6.61 1.83
CA ARG A 29 8.34 -6.15 0.79
C ARG A 29 9.11 -7.27 0.14
N LYS A 30 9.70 -6.96 -0.95
CA LYS A 30 10.55 -7.83 -1.68
C LYS A 30 11.77 -7.02 -2.04
N GLY A 31 12.72 -7.62 -2.69
CA GLY A 31 13.91 -6.90 -3.13
C GLY A 31 13.57 -5.78 -4.13
N ASP A 32 13.66 -4.52 -3.67
CA ASP A 32 13.43 -3.27 -4.48
C ASP A 32 11.94 -3.04 -4.82
N MET A 33 11.13 -4.00 -4.48
CA MET A 33 9.72 -4.01 -4.80
C MET A 33 8.98 -4.31 -3.55
N PHE A 34 7.73 -4.03 -3.51
CA PHE A 34 6.95 -4.38 -2.41
C PHE A 34 5.73 -5.13 -2.86
N LEU A 35 5.08 -5.74 -1.93
CA LEU A 35 3.86 -6.47 -2.18
C LEU A 35 2.76 -5.59 -1.69
N VAL A 36 1.95 -5.12 -2.58
CA VAL A 36 0.93 -4.15 -2.28
C VAL A 36 -0.19 -4.25 -3.29
N SER A 37 -1.41 -4.08 -2.84
CA SER A 37 -2.55 -4.13 -3.72
C SER A 37 -3.48 -2.95 -3.39
N PRO A 38 -4.03 -2.27 -4.41
CA PRO A 38 -5.02 -1.21 -4.18
C PRO A 38 -6.34 -1.79 -3.66
N ILE A 39 -6.91 -2.67 -4.46
CA ILE A 39 -8.15 -3.34 -4.15
C ILE A 39 -7.82 -4.60 -3.32
N MET A 40 -8.79 -5.12 -2.60
CA MET A 40 -8.59 -6.32 -1.80
C MET A 40 -8.37 -7.50 -2.71
N ALA A 41 -7.28 -8.18 -2.48
CA ALA A 41 -6.91 -9.30 -3.28
C ALA A 41 -6.19 -10.32 -2.42
N TYR A 42 -6.20 -11.54 -2.87
CA TYR A 42 -5.53 -12.65 -2.20
C TYR A 42 -4.22 -12.94 -2.89
N GLY A 43 -4.08 -12.37 -4.06
CA GLY A 43 -2.89 -12.56 -4.82
C GLY A 43 -1.86 -11.53 -4.48
N SER A 44 -0.63 -11.89 -4.58
CA SER A 44 0.45 -11.01 -4.27
C SER A 44 0.70 -10.09 -5.45
N PHE A 45 0.16 -8.90 -5.36
CA PHE A 45 0.35 -7.90 -6.36
C PHE A 45 1.61 -7.13 -5.94
N TRP A 46 2.44 -6.79 -6.89
CA TRP A 46 3.66 -6.11 -6.53
C TRP A 46 3.70 -4.72 -7.10
N ALA A 47 4.35 -3.83 -6.40
CA ALA A 47 4.56 -2.47 -6.84
C ALA A 47 5.66 -1.83 -6.01
N PRO A 48 6.45 -0.92 -6.58
CA PRO A 48 7.46 -0.20 -5.84
C PRO A 48 6.82 0.85 -4.91
N VAL A 49 6.78 0.53 -3.64
CA VAL A 49 6.17 1.40 -2.63
C VAL A 49 6.99 2.66 -2.37
N SER A 50 8.26 2.58 -2.68
CA SER A 50 9.16 3.72 -2.53
C SER A 50 8.71 4.88 -3.46
N TYR A 51 7.97 4.53 -4.50
CA TYR A 51 7.48 5.47 -5.47
C TYR A 51 6.27 6.27 -4.97
N PHE A 52 5.60 5.78 -3.96
CA PHE A 52 4.41 6.43 -3.50
C PHE A 52 4.73 7.59 -2.59
N THR A 53 4.76 8.76 -3.17
CA THR A 53 5.04 9.98 -2.46
C THR A 53 3.76 10.73 -2.15
N GLU A 54 2.70 9.99 -2.25
CA GLU A 54 1.41 10.45 -2.06
C GLU A 54 1.03 10.27 -0.63
N GLY A 55 1.66 9.31 -0.04
CA GLY A 55 1.61 9.08 1.33
C GLY A 55 1.41 7.70 1.65
N ASN A 56 2.12 7.30 2.60
CA ASN A 56 2.16 5.95 3.08
C ASN A 56 2.11 6.02 4.58
N THR A 57 2.35 4.91 5.24
CA THR A 57 2.30 4.92 6.70
C THR A 57 3.23 3.88 7.37
N CYS A 58 4.02 3.25 6.58
CA CYS A 58 4.96 2.29 7.00
C CYS A 58 6.13 2.86 7.74
N GLU A 59 6.42 2.25 8.86
CA GLU A 59 7.52 2.62 9.69
C GLU A 59 8.04 1.34 10.32
N GLY A 60 8.07 0.33 9.49
CA GLY A 60 8.48 -0.96 9.90
C GLY A 60 8.75 -1.89 8.74
N VAL A 61 8.10 -1.63 7.59
CA VAL A 61 8.26 -2.53 6.46
C VAL A 61 9.18 -1.83 5.47
N PHE A 62 9.47 -0.65 5.85
CA PHE A 62 10.14 0.33 5.19
C PHE A 62 10.34 1.35 6.29
N GLY A 1 -1.51 14.23 8.80
CA GLY A 1 -1.71 14.05 10.23
C GLY A 1 -2.23 12.68 10.56
N SER A 2 -3.17 12.59 11.48
CA SER A 2 -3.73 11.34 11.93
C SER A 2 -4.55 10.64 10.81
N THR A 3 -3.91 9.72 10.14
CA THR A 3 -4.53 8.90 9.11
C THR A 3 -3.77 7.56 9.07
N PHE A 4 -3.46 7.07 10.25
CA PHE A 4 -2.72 5.83 10.38
C PHE A 4 -3.64 4.64 10.20
N GLY A 5 -3.71 4.19 8.97
CA GLY A 5 -4.52 3.06 8.60
C GLY A 5 -3.92 1.69 8.97
N PRO A 6 -2.58 1.44 8.74
CA PRO A 6 -1.87 0.16 9.09
C PRO A 6 -1.87 -0.25 10.58
N LYS A 7 -3.01 -0.20 11.21
CA LYS A 7 -3.22 -0.63 12.50
C LYS A 7 -3.09 -2.16 12.55
N ASP A 8 -3.88 -2.82 11.73
CA ASP A 8 -3.88 -4.28 11.62
C ASP A 8 -2.93 -4.72 10.51
N ILE A 9 -2.55 -3.78 9.68
CA ILE A 9 -1.74 -4.07 8.51
C ILE A 9 -0.24 -3.83 8.86
N LYS A 10 0.44 -2.95 8.12
CA LYS A 10 1.85 -2.64 8.35
C LYS A 10 2.24 -1.48 7.44
N CYS A 11 1.94 -1.63 6.17
CA CYS A 11 2.28 -0.65 5.19
C CYS A 11 1.04 -0.18 4.47
N GLU A 12 1.12 0.97 3.93
CA GLU A 12 0.11 1.54 3.12
C GLU A 12 0.82 2.62 2.41
N ALA A 13 0.58 2.75 1.17
CA ALA A 13 1.22 3.73 0.38
C ALA A 13 0.18 4.32 -0.52
N TYR A 14 0.31 5.56 -0.85
CA TYR A 14 -0.58 6.13 -1.76
C TYR A 14 -0.05 6.02 -3.12
N TYR A 15 -0.91 6.15 -4.01
CA TYR A 15 -0.63 6.01 -5.38
C TYR A 15 -1.76 6.62 -6.13
N MET A 16 -1.42 7.24 -7.18
CA MET A 16 -2.38 7.83 -8.07
C MET A 16 -2.32 7.12 -9.40
N GLN A 17 -3.41 7.12 -10.07
CA GLN A 17 -3.55 6.53 -11.37
C GLN A 17 -3.90 7.63 -12.35
N ASP A 18 -2.97 8.58 -12.46
CA ASP A 18 -3.04 9.79 -13.31
C ASP A 18 -3.99 10.84 -12.77
N HIS A 19 -4.88 10.40 -11.95
CA HIS A 19 -5.85 11.24 -11.34
C HIS A 19 -6.27 10.73 -9.97
N VAL A 20 -6.61 9.47 -9.87
CA VAL A 20 -7.14 8.92 -8.64
C VAL A 20 -6.03 8.50 -7.72
N LYS A 21 -5.86 9.22 -6.64
CA LYS A 21 -4.90 8.90 -5.64
C LYS A 21 -5.63 8.33 -4.47
N TYR A 22 -5.25 7.15 -4.11
CA TYR A 22 -5.90 6.44 -3.08
C TYR A 22 -4.88 5.66 -2.32
N LYS A 23 -5.27 5.25 -1.17
CA LYS A 23 -4.44 4.53 -0.30
C LYS A 23 -4.44 3.05 -0.63
N ALA A 24 -3.29 2.55 -0.84
CA ALA A 24 -3.09 1.21 -1.17
C ALA A 24 -2.45 0.53 0.02
N ASN A 25 -3.16 -0.38 0.60
CA ASN A 25 -2.72 -1.08 1.78
C ASN A 25 -1.74 -2.16 1.43
N VAL A 26 -0.55 -1.93 1.84
CA VAL A 26 0.57 -2.72 1.46
C VAL A 26 1.02 -3.66 2.57
N PHE A 27 1.41 -4.82 2.19
CA PHE A 27 1.93 -5.79 3.06
C PHE A 27 3.41 -5.52 3.25
N ASP A 28 4.18 -5.50 2.15
CA ASP A 28 5.62 -5.35 2.28
C ASP A 28 6.23 -5.01 0.92
N ARG A 29 7.55 -4.78 0.87
CA ARG A 29 8.19 -4.33 -0.34
C ARG A 29 9.08 -5.39 -0.94
N LYS A 30 9.16 -5.40 -2.25
CA LYS A 30 9.97 -6.34 -3.01
C LYS A 30 10.75 -5.55 -4.05
N GLY A 31 11.90 -5.04 -3.68
CA GLY A 31 12.71 -4.27 -4.59
C GLY A 31 12.10 -2.92 -4.90
N ASP A 32 11.52 -2.80 -6.08
CA ASP A 32 10.86 -1.56 -6.51
C ASP A 32 9.41 -1.81 -6.80
N MET A 33 8.93 -2.89 -6.25
CA MET A 33 7.57 -3.29 -6.37
C MET A 33 7.09 -3.55 -4.97
N PHE A 34 5.84 -3.38 -4.73
CA PHE A 34 5.33 -3.58 -3.45
C PHE A 34 4.35 -4.72 -3.51
N LEU A 35 3.98 -5.15 -2.38
CA LEU A 35 2.98 -6.20 -2.20
C LEU A 35 1.77 -5.54 -1.61
N VAL A 36 0.74 -5.43 -2.37
CA VAL A 36 -0.42 -4.66 -1.99
C VAL A 36 -1.70 -5.44 -2.33
N SER A 37 -2.77 -5.03 -1.75
CA SER A 37 -4.07 -5.50 -2.06
C SER A 37 -5.02 -4.36 -1.70
N PRO A 38 -6.23 -4.32 -2.27
CA PRO A 38 -7.24 -3.34 -1.88
C PRO A 38 -7.94 -3.85 -0.61
N ILE A 39 -9.24 -3.62 -0.50
CA ILE A 39 -10.01 -4.18 0.64
C ILE A 39 -10.30 -5.69 0.43
N MET A 40 -9.43 -6.33 -0.30
CA MET A 40 -9.45 -7.73 -0.58
C MET A 40 -8.04 -8.16 -0.50
N ALA A 41 -7.74 -8.98 0.43
CA ALA A 41 -6.38 -9.37 0.63
C ALA A 41 -6.01 -10.54 -0.25
N TYR A 42 -5.14 -10.27 -1.20
CA TYR A 42 -4.64 -11.32 -2.08
C TYR A 42 -3.37 -11.88 -1.48
N GLY A 43 -2.74 -11.07 -0.65
CA GLY A 43 -1.54 -11.47 0.01
C GLY A 43 -0.35 -11.24 -0.87
N SER A 44 -0.06 -12.19 -1.70
CA SER A 44 1.03 -12.09 -2.60
C SER A 44 0.54 -11.53 -3.94
N PHE A 45 0.42 -10.24 -3.96
CA PHE A 45 0.03 -9.50 -5.12
C PHE A 45 0.95 -8.32 -5.19
N TRP A 46 1.71 -8.24 -6.21
CA TRP A 46 2.63 -7.16 -6.31
C TRP A 46 2.10 -6.08 -7.22
N ALA A 47 2.49 -4.88 -6.96
CA ALA A 47 2.18 -3.75 -7.80
C ALA A 47 3.22 -2.66 -7.57
N PRO A 48 3.52 -1.84 -8.58
CA PRO A 48 4.53 -0.76 -8.46
C PRO A 48 3.99 0.44 -7.68
N VAL A 49 3.68 0.22 -6.44
CA VAL A 49 3.16 1.26 -5.58
C VAL A 49 4.34 2.06 -4.99
N SER A 50 5.55 1.52 -5.19
CA SER A 50 6.80 2.07 -4.68
C SER A 50 7.13 3.43 -5.32
N TYR A 51 6.38 3.80 -6.35
CA TYR A 51 6.53 5.08 -7.00
C TYR A 51 6.00 6.20 -6.07
N PHE A 52 5.05 5.80 -5.19
CA PHE A 52 4.33 6.63 -4.21
C PHE A 52 4.19 8.13 -4.51
N THR A 53 2.99 8.52 -4.80
CA THR A 53 2.72 9.89 -5.17
C THR A 53 2.18 10.73 -4.00
N GLU A 54 2.61 10.43 -2.76
CA GLU A 54 2.19 11.18 -1.60
C GLU A 54 3.11 10.83 -0.48
N GLY A 55 3.05 9.59 -0.12
CA GLY A 55 3.84 9.06 0.87
C GLY A 55 3.18 7.84 1.32
N ASN A 56 3.81 7.17 2.16
CA ASN A 56 3.34 5.94 2.68
C ASN A 56 3.31 6.00 4.20
N THR A 57 2.96 4.90 4.82
CA THR A 57 2.92 4.84 6.27
C THR A 57 3.29 3.42 6.80
N CYS A 58 4.13 2.73 6.04
CA CYS A 58 4.76 1.49 6.37
C CYS A 58 5.63 1.67 7.58
N GLU A 59 5.07 1.34 8.71
CA GLU A 59 5.56 1.80 9.98
C GLU A 59 6.64 0.90 10.50
N GLY A 60 6.59 -0.30 10.08
CA GLY A 60 7.54 -1.25 10.48
C GLY A 60 8.78 -1.15 9.66
N VAL A 61 8.70 -0.46 8.55
CA VAL A 61 9.79 -0.42 7.63
C VAL A 61 10.28 1.02 7.50
N PHE A 62 9.83 1.85 8.40
CA PHE A 62 10.11 3.20 8.32
C PHE A 62 11.30 3.55 9.20
N GLY A 1 -15.56 1.32 4.21
CA GLY A 1 -15.06 2.68 4.07
C GLY A 1 -13.58 2.69 4.28
N SER A 2 -12.93 3.78 3.95
CA SER A 2 -11.53 3.89 4.15
C SER A 2 -11.23 4.43 5.55
N THR A 3 -11.36 3.56 6.50
CA THR A 3 -11.08 3.83 7.86
C THR A 3 -9.69 3.34 8.15
N PHE A 4 -8.78 4.25 8.35
CA PHE A 4 -7.41 3.91 8.49
C PHE A 4 -7.07 3.38 9.88
N GLY A 5 -5.82 3.23 10.14
CA GLY A 5 -5.42 2.55 11.33
C GLY A 5 -4.75 1.28 10.89
N PRO A 6 -3.43 1.29 10.73
CA PRO A 6 -2.66 0.18 10.15
C PRO A 6 -2.51 -1.04 11.06
N LYS A 7 -3.59 -1.47 11.65
CA LYS A 7 -3.66 -2.59 12.44
C LYS A 7 -3.60 -3.85 11.58
N ASP A 8 -4.60 -3.98 10.72
CA ASP A 8 -4.74 -5.15 9.88
C ASP A 8 -4.19 -4.83 8.50
N ILE A 9 -4.36 -3.57 8.14
CA ILE A 9 -3.90 -3.04 6.86
C ILE A 9 -2.38 -3.06 6.84
N LYS A 10 -1.85 -2.40 7.85
CA LYS A 10 -0.42 -2.26 8.12
C LYS A 10 0.20 -1.19 7.21
N CYS A 11 0.01 -1.31 5.93
CA CYS A 11 0.52 -0.31 5.03
C CYS A 11 -0.55 0.13 4.07
N GLU A 12 -0.61 1.38 3.85
CA GLU A 12 -1.46 1.97 2.88
C GLU A 12 -0.71 3.21 2.43
N ALA A 13 -0.31 3.20 1.19
CA ALA A 13 0.48 4.23 0.62
C ALA A 13 -0.22 4.80 -0.56
N TYR A 14 -0.04 6.06 -0.83
CA TYR A 14 -0.66 6.62 -1.95
C TYR A 14 0.32 6.86 -3.01
N TYR A 15 -0.20 6.97 -4.14
CA TYR A 15 0.49 7.29 -5.35
C TYR A 15 -0.55 7.60 -6.40
N MET A 16 -0.31 8.60 -7.17
CA MET A 16 -1.20 8.94 -8.25
C MET A 16 -1.13 7.89 -9.34
N GLN A 17 -2.20 7.76 -10.05
CA GLN A 17 -2.29 6.78 -11.12
C GLN A 17 -2.29 7.51 -12.47
N ASP A 18 -2.27 8.81 -12.40
CA ASP A 18 -2.32 9.67 -13.56
C ASP A 18 -1.89 11.04 -13.12
N HIS A 19 -2.79 11.63 -12.45
CA HIS A 19 -2.64 12.90 -11.74
C HIS A 19 -3.57 12.86 -10.53
N VAL A 20 -4.13 11.68 -10.28
CA VAL A 20 -5.11 11.45 -9.26
C VAL A 20 -4.52 10.48 -8.29
N LYS A 21 -4.50 10.86 -7.04
CA LYS A 21 -3.94 10.07 -5.98
C LYS A 21 -4.88 8.94 -5.62
N TYR A 22 -4.34 7.76 -5.47
CA TYR A 22 -5.11 6.61 -5.10
C TYR A 22 -4.42 5.87 -4.01
N LYS A 23 -5.21 5.21 -3.22
CA LYS A 23 -4.74 4.52 -2.07
C LYS A 23 -4.27 3.11 -2.42
N ALA A 24 -3.31 2.63 -1.70
CA ALA A 24 -2.77 1.33 -1.94
C ALA A 24 -2.53 0.62 -0.68
N ASN A 25 -3.40 -0.31 -0.43
CA ASN A 25 -3.35 -1.19 0.67
C ASN A 25 -2.19 -2.15 0.49
N VAL A 26 -1.11 -1.85 1.13
CA VAL A 26 0.14 -2.58 0.99
C VAL A 26 0.35 -3.50 2.18
N PHE A 27 0.89 -4.65 1.93
CA PHE A 27 1.08 -5.61 2.98
C PHE A 27 2.55 -5.87 3.25
N ASP A 28 3.37 -5.88 2.23
CA ASP A 28 4.80 -6.13 2.45
C ASP A 28 5.59 -5.50 1.31
N ARG A 29 6.89 -5.66 1.30
CA ARG A 29 7.70 -5.04 0.32
C ARG A 29 8.49 -6.05 -0.46
N LYS A 30 9.10 -5.62 -1.51
CA LYS A 30 9.95 -6.43 -2.31
C LYS A 30 11.10 -5.57 -2.75
N GLY A 31 12.02 -6.14 -3.47
CA GLY A 31 13.10 -5.39 -4.03
C GLY A 31 12.65 -4.44 -5.11
N ASP A 32 12.47 -3.17 -4.73
CA ASP A 32 12.10 -2.05 -5.63
C ASP A 32 10.64 -2.09 -6.03
N MET A 33 9.89 -2.93 -5.34
CA MET A 33 8.49 -3.16 -5.58
C MET A 33 7.86 -3.40 -4.25
N PHE A 34 6.59 -3.34 -4.17
CA PHE A 34 5.92 -3.63 -3.02
C PHE A 34 4.84 -4.65 -3.30
N LEU A 35 4.18 -5.05 -2.26
CA LEU A 35 3.14 -6.05 -2.32
C LEU A 35 1.85 -5.35 -1.87
N VAL A 36 0.91 -5.23 -2.77
CA VAL A 36 -0.29 -4.46 -2.54
C VAL A 36 -1.50 -5.23 -3.05
N SER A 37 -2.58 -5.15 -2.35
CA SER A 37 -3.81 -5.73 -2.80
C SER A 37 -4.95 -4.80 -2.38
N PRO A 38 -5.41 -3.90 -3.30
CA PRO A 38 -6.48 -2.94 -3.00
C PRO A 38 -7.78 -3.66 -2.69
N ILE A 39 -7.90 -4.82 -3.25
CA ILE A 39 -9.02 -5.69 -3.03
C ILE A 39 -8.46 -6.97 -2.45
N MET A 40 -9.16 -7.54 -1.50
CA MET A 40 -8.70 -8.76 -0.90
C MET A 40 -9.08 -9.94 -1.75
N ALA A 41 -8.10 -10.72 -2.05
CA ALA A 41 -8.24 -11.93 -2.80
C ALA A 41 -7.06 -12.79 -2.41
N TYR A 42 -7.15 -14.08 -2.59
CA TYR A 42 -6.07 -14.94 -2.20
C TYR A 42 -4.96 -14.88 -3.22
N GLY A 43 -3.96 -14.11 -2.91
CA GLY A 43 -2.82 -13.99 -3.75
C GLY A 43 -2.00 -12.81 -3.34
N SER A 44 -0.82 -12.73 -3.83
CA SER A 44 0.06 -11.65 -3.53
C SER A 44 0.21 -10.80 -4.78
N PHE A 45 -0.40 -9.65 -4.77
CA PHE A 45 -0.29 -8.76 -5.89
C PHE A 45 0.83 -7.77 -5.61
N TRP A 46 1.51 -7.35 -6.62
CA TRP A 46 2.62 -6.47 -6.44
C TRP A 46 2.49 -5.25 -7.31
N ALA A 47 3.15 -4.20 -6.92
CA ALA A 47 3.22 -2.96 -7.69
C ALA A 47 4.38 -2.14 -7.16
N PRO A 48 5.00 -1.30 -8.01
CA PRO A 48 6.05 -0.38 -7.58
C PRO A 48 5.45 0.79 -6.76
N VAL A 49 4.97 0.46 -5.57
CA VAL A 49 4.34 1.42 -4.67
C VAL A 49 5.39 2.39 -4.08
N SER A 50 6.65 2.08 -4.34
CA SER A 50 7.80 2.90 -3.96
C SER A 50 7.70 4.31 -4.63
N TYR A 51 6.77 4.42 -5.57
CA TYR A 51 6.51 5.66 -6.27
C TYR A 51 5.62 6.60 -5.40
N PHE A 52 5.26 6.16 -4.16
CA PHE A 52 4.41 6.90 -3.21
C PHE A 52 4.57 8.42 -3.31
N THR A 53 3.48 9.08 -3.55
CA THR A 53 3.51 10.49 -3.85
C THR A 53 2.93 11.38 -2.76
N GLU A 54 2.77 10.86 -1.57
CA GLU A 54 2.23 11.67 -0.51
C GLU A 54 2.68 11.17 0.84
N GLY A 55 2.08 10.11 1.31
CA GLY A 55 2.41 9.60 2.57
C GLY A 55 1.77 8.32 2.72
N ASN A 56 2.36 7.54 3.48
CA ASN A 56 1.96 6.19 3.67
C ASN A 56 1.77 5.91 5.15
N THR A 57 1.12 4.82 5.48
CA THR A 57 0.82 4.49 6.88
C THR A 57 1.61 3.32 7.44
N CYS A 58 2.36 2.71 6.59
CA CYS A 58 3.17 1.61 6.84
C CYS A 58 4.20 1.92 7.91
N GLU A 59 4.14 1.21 9.01
CA GLU A 59 5.03 1.48 10.10
C GLU A 59 6.09 0.37 10.18
N GLY A 60 5.76 -0.78 9.65
CA GLY A 60 6.60 -1.92 9.77
C GLY A 60 7.16 -2.42 8.49
N VAL A 61 6.94 -1.68 7.44
CA VAL A 61 7.44 -2.09 6.15
C VAL A 61 8.34 -1.00 5.60
N PHE A 62 8.69 -0.11 6.48
CA PHE A 62 9.38 1.03 6.13
C PHE A 62 10.86 0.80 6.28
N GLY A 1 -14.09 4.22 9.67
CA GLY A 1 -13.42 4.25 10.97
C GLY A 1 -11.92 4.28 10.80
N SER A 2 -11.31 3.13 10.73
CA SER A 2 -9.91 3.01 10.53
C SER A 2 -9.59 3.09 9.05
N THR A 3 -9.30 4.28 8.58
CA THR A 3 -8.96 4.50 7.20
C THR A 3 -7.59 3.87 6.94
N PHE A 4 -6.77 3.91 7.94
CA PHE A 4 -5.49 3.27 7.95
C PHE A 4 -5.52 2.27 9.05
N GLY A 5 -4.80 1.22 8.91
CA GLY A 5 -4.75 0.21 9.91
C GLY A 5 -3.55 -0.67 9.72
N PRO A 6 -2.31 -0.12 9.86
CA PRO A 6 -1.07 -0.85 9.58
C PRO A 6 -0.69 -1.83 10.67
N LYS A 7 -1.68 -2.36 11.32
CA LYS A 7 -1.59 -3.28 12.32
C LYS A 7 -1.11 -4.61 11.77
N ASP A 8 -1.87 -5.12 10.80
CA ASP A 8 -1.50 -6.37 10.13
C ASP A 8 -0.90 -6.05 8.78
N ILE A 9 -1.34 -4.92 8.25
CA ILE A 9 -0.97 -4.48 6.93
C ILE A 9 0.48 -4.02 6.87
N LYS A 10 0.80 -3.11 7.79
CA LYS A 10 2.14 -2.53 7.99
C LYS A 10 2.39 -1.32 7.09
N CYS A 11 2.02 -1.43 5.86
CA CYS A 11 2.25 -0.36 4.91
C CYS A 11 1.02 -0.10 4.12
N GLU A 12 0.76 1.12 3.89
CA GLU A 12 -0.34 1.51 3.08
C GLU A 12 0.11 2.78 2.41
N ALA A 13 -0.05 2.86 1.14
CA ALA A 13 0.44 4.00 0.39
C ALA A 13 -0.64 4.54 -0.49
N TYR A 14 -0.55 5.81 -0.82
CA TYR A 14 -1.42 6.38 -1.77
C TYR A 14 -0.61 6.70 -2.97
N TYR A 15 -1.31 7.00 -3.98
CA TYR A 15 -0.81 7.40 -5.26
C TYR A 15 -1.98 7.91 -6.05
N MET A 16 -1.74 8.82 -6.93
CA MET A 16 -2.79 9.25 -7.82
C MET A 16 -2.54 8.70 -9.19
N GLN A 17 -3.58 8.44 -9.90
CA GLN A 17 -3.49 7.92 -11.23
C GLN A 17 -3.76 9.05 -12.20
N ASP A 18 -2.99 10.11 -12.02
CA ASP A 18 -3.03 11.36 -12.80
C ASP A 18 -4.22 12.23 -12.46
N HIS A 19 -5.18 11.67 -11.80
CA HIS A 19 -6.38 12.40 -11.46
C HIS A 19 -7.00 11.88 -10.16
N VAL A 20 -7.06 10.57 -9.99
CA VAL A 20 -7.69 10.01 -8.80
C VAL A 20 -6.64 9.44 -7.84
N LYS A 21 -6.70 9.84 -6.60
CA LYS A 21 -5.81 9.37 -5.56
C LYS A 21 -6.45 8.22 -4.82
N TYR A 22 -5.71 7.17 -4.59
CA TYR A 22 -6.22 6.03 -3.86
C TYR A 22 -5.15 5.39 -3.05
N LYS A 23 -5.59 4.74 -2.01
CA LYS A 23 -4.71 4.12 -1.08
C LYS A 23 -4.76 2.60 -1.22
N ALA A 24 -3.62 2.01 -1.19
CA ALA A 24 -3.46 0.62 -1.33
C ALA A 24 -2.83 0.07 -0.11
N ASN A 25 -3.26 -1.09 0.20
CA ASN A 25 -2.88 -1.77 1.38
C ASN A 25 -1.67 -2.63 1.08
N VAL A 26 -0.53 -2.17 1.48
CA VAL A 26 0.75 -2.77 1.10
C VAL A 26 1.35 -3.68 2.21
N PHE A 27 1.90 -4.79 1.81
CA PHE A 27 2.48 -5.71 2.78
C PHE A 27 4.00 -5.58 2.81
N ASP A 28 4.62 -5.54 1.64
CA ASP A 28 6.09 -5.52 1.55
C ASP A 28 6.50 -5.02 0.18
N ARG A 29 7.79 -4.83 -0.07
CA ARG A 29 8.24 -4.40 -1.36
C ARG A 29 9.08 -5.47 -2.02
N LYS A 30 9.17 -5.43 -3.32
CA LYS A 30 9.92 -6.40 -4.09
C LYS A 30 10.47 -5.76 -5.37
N GLY A 31 11.61 -5.13 -5.25
CA GLY A 31 12.22 -4.45 -6.36
C GLY A 31 11.47 -3.18 -6.70
N ASP A 32 10.94 -3.13 -7.91
CA ASP A 32 10.19 -1.95 -8.41
C ASP A 32 8.72 -2.18 -8.18
N MET A 33 8.44 -3.29 -7.63
CA MET A 33 7.11 -3.72 -7.40
C MET A 33 6.92 -3.80 -5.92
N PHE A 34 5.73 -3.71 -5.50
CA PHE A 34 5.42 -3.86 -4.19
C PHE A 34 4.45 -5.00 -4.09
N LEU A 35 4.20 -5.37 -2.92
CA LEU A 35 3.33 -6.48 -2.62
C LEU A 35 2.12 -5.85 -1.97
N VAL A 36 0.99 -5.96 -2.60
CA VAL A 36 -0.16 -5.22 -2.17
C VAL A 36 -1.46 -6.00 -2.43
N SER A 37 -2.46 -5.73 -1.63
CA SER A 37 -3.75 -6.29 -1.84
C SER A 37 -4.79 -5.25 -1.39
N PRO A 38 -5.26 -4.41 -2.32
CA PRO A 38 -6.26 -3.39 -2.01
C PRO A 38 -7.69 -3.89 -2.29
N ILE A 39 -7.82 -5.19 -2.41
CA ILE A 39 -9.08 -5.83 -2.73
C ILE A 39 -9.40 -6.83 -1.63
N MET A 40 -10.65 -6.93 -1.23
CA MET A 40 -11.03 -7.89 -0.21
C MET A 40 -11.27 -9.24 -0.83
N ALA A 41 -10.21 -10.01 -0.90
CA ALA A 41 -10.21 -11.35 -1.42
C ALA A 41 -8.86 -11.91 -1.06
N TYR A 42 -8.66 -13.18 -1.25
CA TYR A 42 -7.35 -13.71 -1.00
C TYR A 42 -6.54 -13.52 -2.27
N GLY A 43 -5.62 -12.62 -2.20
CA GLY A 43 -4.83 -12.31 -3.34
C GLY A 43 -3.78 -11.31 -3.00
N SER A 44 -2.69 -11.77 -2.44
CA SER A 44 -1.60 -10.90 -2.15
C SER A 44 -0.67 -10.89 -3.35
N PHE A 45 -0.99 -10.02 -4.27
CA PHE A 45 -0.28 -9.90 -5.52
C PHE A 45 0.69 -8.74 -5.49
N TRP A 46 1.24 -8.41 -6.62
CA TRP A 46 2.17 -7.34 -6.70
C TRP A 46 1.62 -6.23 -7.55
N ALA A 47 2.07 -5.06 -7.28
CA ALA A 47 1.77 -3.90 -8.09
C ALA A 47 2.84 -2.86 -7.85
N PRO A 48 3.14 -1.99 -8.83
CA PRO A 48 4.10 -0.93 -8.64
C PRO A 48 3.54 0.17 -7.73
N VAL A 49 3.58 -0.09 -6.44
CA VAL A 49 3.12 0.87 -5.45
C VAL A 49 4.23 1.86 -5.18
N SER A 50 5.41 1.57 -5.74
CA SER A 50 6.61 2.41 -5.73
C SER A 50 6.29 3.80 -6.33
N TYR A 51 5.15 3.86 -6.97
CA TYR A 51 4.58 5.01 -7.60
C TYR A 51 3.87 5.92 -6.52
N PHE A 52 4.03 5.56 -5.22
CA PHE A 52 3.52 6.34 -4.12
C PHE A 52 4.02 7.79 -4.21
N THR A 53 3.12 8.65 -4.53
CA THR A 53 3.41 10.03 -4.75
C THR A 53 2.63 10.93 -3.81
N GLU A 54 2.22 10.41 -2.67
CA GLU A 54 1.41 11.19 -1.79
C GLU A 54 1.84 10.92 -0.35
N GLY A 55 1.50 9.76 0.17
CA GLY A 55 1.88 9.44 1.47
C GLY A 55 1.51 8.07 1.78
N ASN A 56 2.27 7.54 2.64
CA ASN A 56 2.19 6.16 3.07
C ASN A 56 2.15 6.10 4.59
N THR A 57 2.31 4.90 5.13
CA THR A 57 2.33 4.70 6.58
C THR A 57 3.06 3.37 6.96
N CYS A 58 3.93 2.91 6.06
CA CYS A 58 4.75 1.77 6.18
C CYS A 58 5.68 1.86 7.38
N GLU A 59 5.22 1.26 8.47
CA GLU A 59 5.77 1.41 9.81
C GLU A 59 6.97 0.54 9.96
N GLY A 60 6.94 -0.53 9.27
CA GLY A 60 7.93 -1.53 9.40
C GLY A 60 9.01 -1.45 8.39
N VAL A 61 8.94 -0.44 7.57
CA VAL A 61 9.93 -0.25 6.54
C VAL A 61 10.42 1.18 6.63
N PHE A 62 10.16 1.75 7.78
CA PHE A 62 10.34 3.10 8.06
C PHE A 62 11.82 3.37 8.34
N GLY A 1 -11.43 7.85 10.00
CA GLY A 1 -11.63 7.40 8.62
C GLY A 1 -11.86 5.92 8.57
N SER A 2 -11.69 5.33 7.40
CA SER A 2 -11.79 3.89 7.24
C SER A 2 -10.73 3.23 8.13
N THR A 3 -11.15 2.34 8.97
CA THR A 3 -10.28 1.77 9.94
C THR A 3 -9.96 0.32 9.63
N PHE A 4 -8.73 0.08 9.26
CA PHE A 4 -8.25 -1.25 9.12
C PHE A 4 -7.41 -1.56 10.33
N GLY A 5 -6.97 -2.77 10.44
CA GLY A 5 -6.12 -3.16 11.51
C GLY A 5 -4.81 -3.52 10.91
N PRO A 6 -3.89 -2.55 10.76
CA PRO A 6 -2.64 -2.75 10.10
C PRO A 6 -1.59 -3.38 11.00
N LYS A 7 -1.92 -4.55 11.50
CA LYS A 7 -1.14 -5.32 12.31
C LYS A 7 0.05 -5.84 11.54
N ASP A 8 -0.24 -6.58 10.49
CA ASP A 8 0.78 -7.15 9.63
C ASP A 8 1.04 -6.19 8.48
N ILE A 9 0.02 -5.39 8.21
CA ILE A 9 0.04 -4.42 7.13
C ILE A 9 1.14 -3.39 7.42
N LYS A 10 0.88 -2.53 8.43
CA LYS A 10 1.85 -1.53 8.94
C LYS A 10 2.08 -0.37 7.96
N CYS A 11 2.16 -0.68 6.71
CA CYS A 11 2.39 0.28 5.69
C CYS A 11 1.14 0.42 4.89
N GLU A 12 0.75 1.59 4.65
CA GLU A 12 -0.37 1.88 3.85
C GLU A 12 -0.01 3.16 3.15
N ALA A 13 -0.42 3.35 1.95
CA ALA A 13 -0.05 4.51 1.18
C ALA A 13 -1.16 4.90 0.26
N TYR A 14 -1.05 6.04 -0.36
CA TYR A 14 -1.91 6.40 -1.42
C TYR A 14 -1.07 6.64 -2.60
N TYR A 15 -1.69 6.66 -3.69
CA TYR A 15 -1.09 6.94 -4.97
C TYR A 15 -2.18 7.11 -5.98
N MET A 16 -2.00 8.06 -6.84
CA MET A 16 -2.89 8.26 -7.94
C MET A 16 -2.37 7.49 -9.14
N GLN A 17 -3.23 7.17 -10.07
CA GLN A 17 -2.75 6.48 -11.26
C GLN A 17 -2.75 7.39 -12.46
N ASP A 18 -3.53 8.44 -12.36
CA ASP A 18 -3.73 9.38 -13.46
C ASP A 18 -4.67 10.44 -12.99
N HIS A 19 -5.65 9.99 -12.30
CA HIS A 19 -6.70 10.80 -11.74
C HIS A 19 -7.18 10.24 -10.42
N VAL A 20 -7.17 8.93 -10.28
CA VAL A 20 -7.75 8.32 -9.10
C VAL A 20 -6.66 8.00 -8.11
N LYS A 21 -6.83 8.46 -6.90
CA LYS A 21 -5.92 8.24 -5.81
C LYS A 21 -6.53 7.25 -4.87
N TYR A 22 -5.84 6.19 -4.70
CA TYR A 22 -6.28 5.11 -4.01
C TYR A 22 -5.53 4.97 -2.74
N LYS A 23 -6.14 4.35 -1.81
CA LYS A 23 -5.54 3.98 -0.58
C LYS A 23 -5.14 2.54 -0.75
N ALA A 24 -3.98 2.20 -0.33
CA ALA A 24 -3.51 0.89 -0.49
C ALA A 24 -2.86 0.40 0.75
N ASN A 25 -3.12 -0.82 1.00
CA ASN A 25 -2.68 -1.51 2.15
C ASN A 25 -1.42 -2.24 1.80
N VAL A 26 -0.30 -1.73 2.23
CA VAL A 26 0.99 -2.30 1.90
C VAL A 26 1.46 -3.26 2.99
N PHE A 27 1.54 -4.51 2.64
CA PHE A 27 1.84 -5.55 3.59
C PHE A 27 3.35 -5.73 3.76
N ASP A 28 4.09 -5.54 2.67
CA ASP A 28 5.54 -5.70 2.70
C ASP A 28 6.13 -5.06 1.45
N ARG A 29 7.42 -4.96 1.38
CA ARG A 29 8.07 -4.44 0.20
C ARG A 29 8.83 -5.55 -0.52
N LYS A 30 8.69 -5.61 -1.81
CA LYS A 30 9.26 -6.68 -2.58
C LYS A 30 10.27 -6.09 -3.54
N GLY A 31 11.47 -5.90 -3.06
CA GLY A 31 12.51 -5.30 -3.86
C GLY A 31 12.22 -3.86 -4.17
N ASP A 32 11.78 -3.60 -5.39
CA ASP A 32 11.48 -2.24 -5.85
C ASP A 32 9.98 -2.03 -5.83
N MET A 33 9.32 -3.10 -5.61
CA MET A 33 7.90 -3.17 -5.65
C MET A 33 7.40 -3.28 -4.25
N PHE A 34 6.14 -3.22 -4.09
CA PHE A 34 5.56 -3.43 -2.84
C PHE A 34 4.52 -4.51 -2.95
N LEU A 35 4.16 -5.04 -1.85
CA LEU A 35 3.18 -6.09 -1.74
C LEU A 35 1.97 -5.39 -1.18
N VAL A 36 0.93 -5.32 -1.93
CA VAL A 36 -0.16 -4.49 -1.59
C VAL A 36 -1.53 -5.05 -2.07
N SER A 37 -2.56 -4.53 -1.48
CA SER A 37 -3.92 -4.74 -1.90
C SER A 37 -4.63 -3.38 -1.69
N PRO A 38 -4.88 -2.63 -2.79
CA PRO A 38 -5.44 -1.29 -2.70
C PRO A 38 -6.86 -1.20 -2.12
N ILE A 39 -7.86 -1.33 -2.96
CA ILE A 39 -9.24 -1.17 -2.52
C ILE A 39 -9.99 -2.47 -2.73
N MET A 40 -9.26 -3.54 -2.69
CA MET A 40 -9.79 -4.84 -2.90
C MET A 40 -8.79 -5.79 -2.33
N ALA A 41 -9.23 -6.91 -1.84
CA ALA A 41 -8.31 -7.87 -1.31
C ALA A 41 -8.80 -9.30 -1.51
N TYR A 42 -8.39 -9.87 -2.59
CA TYR A 42 -8.60 -11.27 -2.89
C TYR A 42 -7.30 -11.83 -3.32
N GLY A 43 -6.45 -11.99 -2.37
CA GLY A 43 -5.11 -12.37 -2.64
C GLY A 43 -4.27 -11.15 -2.64
N SER A 44 -3.04 -11.30 -2.32
CA SER A 44 -2.17 -10.18 -2.26
C SER A 44 -1.38 -10.09 -3.57
N PHE A 45 -1.15 -8.88 -4.03
CA PHE A 45 -0.49 -8.66 -5.28
C PHE A 45 0.69 -7.74 -5.05
N TRP A 46 1.52 -7.59 -6.05
CA TRP A 46 2.60 -6.66 -5.96
C TRP A 46 2.24 -5.45 -6.79
N ALA A 47 2.69 -4.31 -6.39
CA ALA A 47 2.55 -3.10 -7.16
C ALA A 47 3.60 -2.10 -6.76
N PRO A 48 4.04 -1.21 -7.67
CA PRO A 48 4.96 -0.15 -7.33
C PRO A 48 4.22 0.97 -6.60
N VAL A 49 4.06 0.77 -5.31
CA VAL A 49 3.38 1.72 -4.43
C VAL A 49 4.29 2.92 -4.17
N SER A 50 5.52 2.79 -4.63
CA SER A 50 6.57 3.78 -4.61
C SER A 50 6.14 5.07 -5.35
N TYR A 51 5.02 4.98 -6.06
CA TYR A 51 4.46 6.07 -6.81
C TYR A 51 3.55 6.93 -5.89
N PHE A 52 3.59 6.67 -4.57
CA PHE A 52 2.83 7.38 -3.52
C PHE A 52 2.73 8.91 -3.75
N THR A 53 1.53 9.44 -3.63
CA THR A 53 1.29 10.83 -3.96
C THR A 53 0.55 11.61 -2.86
N GLU A 54 0.53 11.11 -1.65
CA GLU A 54 -0.24 11.80 -0.61
C GLU A 54 0.44 11.63 0.72
N GLY A 55 0.31 10.46 1.25
CA GLY A 55 0.91 10.13 2.45
C GLY A 55 0.65 8.76 2.75
N ASN A 56 1.51 8.24 3.49
CA ASN A 56 1.51 6.87 3.82
C ASN A 56 1.53 6.75 5.33
N THR A 57 1.54 5.55 5.80
CA THR A 57 1.57 5.26 7.22
C THR A 57 2.68 4.29 7.56
N CYS A 58 3.56 4.07 6.61
CA CYS A 58 4.65 3.17 6.75
C CYS A 58 5.72 3.79 7.61
N GLU A 59 5.57 3.65 8.90
CA GLU A 59 6.47 4.30 9.84
C GLU A 59 7.22 3.26 10.63
N GLY A 60 7.08 2.04 10.20
CA GLY A 60 7.81 0.97 10.79
C GLY A 60 8.75 0.37 9.77
N VAL A 61 8.74 0.96 8.61
CA VAL A 61 9.58 0.51 7.52
C VAL A 61 10.69 1.53 7.30
N PHE A 62 10.53 2.64 7.93
CA PHE A 62 11.35 3.76 7.81
C PHE A 62 11.43 4.33 9.20
N GLY A 1 -15.63 -1.17 11.03
CA GLY A 1 -14.80 -1.23 9.83
C GLY A 1 -15.03 -0.04 8.93
N SER A 2 -14.70 -0.19 7.66
CA SER A 2 -14.84 0.80 6.57
C SER A 2 -13.88 2.00 6.66
N THR A 3 -13.50 2.36 7.84
CA THR A 3 -12.57 3.43 8.04
C THR A 3 -11.14 2.89 8.02
N PHE A 4 -10.22 3.74 7.72
CA PHE A 4 -8.86 3.35 7.66
C PHE A 4 -8.19 3.70 8.98
N GLY A 5 -6.95 3.35 9.09
CA GLY A 5 -6.26 3.51 10.32
C GLY A 5 -5.35 2.34 10.44
N PRO A 6 -4.04 2.53 10.33
CA PRO A 6 -3.08 1.42 10.28
C PRO A 6 -2.87 0.64 11.59
N LYS A 7 -3.96 0.20 12.16
CA LYS A 7 -3.97 -0.64 13.23
C LYS A 7 -3.53 -2.02 12.77
N ASP A 8 -4.24 -2.55 11.79
CA ASP A 8 -3.94 -3.86 11.23
C ASP A 8 -3.15 -3.70 9.94
N ILE A 9 -3.54 -2.68 9.19
CA ILE A 9 -2.97 -2.35 7.88
C ILE A 9 -1.44 -2.25 7.94
N LYS A 10 -0.99 -1.40 8.83
CA LYS A 10 0.42 -1.12 9.11
C LYS A 10 1.03 -0.26 8.00
N CYS A 11 1.06 -0.75 6.80
CA CYS A 11 1.58 0.06 5.75
C CYS A 11 0.44 0.55 4.93
N GLU A 12 0.39 1.81 4.72
CA GLU A 12 -0.62 2.39 3.93
C GLU A 12 -0.01 3.58 3.27
N ALA A 13 -0.04 3.60 1.99
CA ALA A 13 0.69 4.58 1.22
C ALA A 13 -0.19 5.16 0.16
N TYR A 14 0.16 6.32 -0.35
CA TYR A 14 -0.49 6.83 -1.48
C TYR A 14 0.41 6.70 -2.64
N TYR A 15 -0.19 6.73 -3.73
CA TYR A 15 0.43 6.74 -5.03
C TYR A 15 -0.67 7.01 -6.02
N MET A 16 -0.36 7.71 -7.07
CA MET A 16 -1.29 7.80 -8.14
C MET A 16 -0.84 6.90 -9.25
N GLN A 17 -1.76 6.36 -9.97
CA GLN A 17 -1.42 5.43 -11.02
C GLN A 17 -1.93 5.94 -12.36
N ASP A 18 -2.22 7.23 -12.39
CA ASP A 18 -2.73 7.93 -13.56
C ASP A 18 -3.07 9.33 -13.14
N HIS A 19 -4.15 9.39 -12.45
CA HIS A 19 -4.74 10.60 -11.89
C HIS A 19 -5.52 10.24 -10.65
N VAL A 20 -5.32 9.05 -10.16
CA VAL A 20 -6.02 8.59 -9.01
C VAL A 20 -5.01 8.38 -7.93
N LYS A 21 -4.92 9.34 -7.03
CA LYS A 21 -4.05 9.21 -5.91
C LYS A 21 -4.81 8.46 -4.87
N TYR A 22 -4.36 7.30 -4.58
CA TYR A 22 -5.08 6.42 -3.74
C TYR A 22 -4.23 5.94 -2.64
N LYS A 23 -4.87 5.80 -1.53
CA LYS A 23 -4.27 5.34 -0.35
C LYS A 23 -4.56 3.86 -0.23
N ALA A 24 -3.52 3.09 -0.27
CA ALA A 24 -3.59 1.69 -0.38
C ALA A 24 -3.15 1.01 0.88
N ASN A 25 -3.81 -0.06 1.15
CA ASN A 25 -3.56 -0.98 2.26
C ASN A 25 -2.38 -1.87 1.84
N VAL A 26 -1.23 -1.55 2.34
CA VAL A 26 -0.03 -2.21 1.96
C VAL A 26 0.38 -3.24 3.02
N PHE A 27 0.65 -4.42 2.53
CA PHE A 27 1.00 -5.55 3.33
C PHE A 27 2.49 -5.76 3.42
N ASP A 28 3.17 -5.82 2.27
CA ASP A 28 4.61 -6.12 2.30
C ASP A 28 5.25 -5.76 0.96
N ARG A 29 6.56 -5.91 0.83
CA ARG A 29 7.26 -5.58 -0.37
C ARG A 29 7.94 -6.79 -0.95
N LYS A 30 7.94 -6.91 -2.24
CA LYS A 30 8.52 -8.01 -2.97
C LYS A 30 9.30 -7.43 -4.13
N GLY A 31 10.59 -7.29 -3.95
CA GLY A 31 11.39 -6.62 -4.93
C GLY A 31 11.10 -5.15 -4.87
N ASP A 32 10.82 -4.53 -5.97
CA ASP A 32 10.45 -3.13 -5.97
C ASP A 32 8.97 -2.97 -6.27
N MET A 33 8.24 -4.04 -6.02
CA MET A 33 6.81 -4.06 -6.12
C MET A 33 6.31 -4.34 -4.75
N PHE A 34 5.19 -3.84 -4.40
CA PHE A 34 4.65 -4.07 -3.15
C PHE A 34 3.38 -4.86 -3.25
N LEU A 35 2.90 -5.24 -2.13
CA LEU A 35 1.69 -6.02 -2.00
C LEU A 35 0.63 -5.19 -1.34
N VAL A 36 -0.45 -4.98 -2.04
CA VAL A 36 -1.61 -4.24 -1.58
C VAL A 36 -2.84 -5.07 -1.88
N SER A 37 -3.78 -5.11 -1.00
CA SER A 37 -4.99 -5.84 -1.22
C SER A 37 -6.12 -5.20 -0.43
N PRO A 38 -7.36 -5.27 -0.93
CA PRO A 38 -8.53 -4.78 -0.18
C PRO A 38 -8.83 -5.72 0.99
N ILE A 39 -9.90 -5.50 1.70
CA ILE A 39 -10.19 -6.36 2.84
C ILE A 39 -11.23 -7.41 2.49
N MET A 40 -11.23 -7.75 1.23
CA MET A 40 -12.04 -8.79 0.66
C MET A 40 -11.43 -9.06 -0.68
N ALA A 41 -10.66 -10.11 -0.75
CA ALA A 41 -9.99 -10.51 -1.97
C ALA A 41 -9.45 -11.91 -1.79
N TYR A 42 -9.33 -12.62 -2.87
CA TYR A 42 -8.81 -13.96 -2.80
C TYR A 42 -7.29 -13.96 -2.95
N GLY A 43 -6.79 -13.13 -3.83
CA GLY A 43 -5.37 -13.13 -4.07
C GLY A 43 -4.67 -11.97 -3.40
N SER A 44 -3.74 -11.40 -4.10
CA SER A 44 -2.97 -10.28 -3.66
C SER A 44 -2.54 -9.48 -4.87
N PHE A 45 -2.79 -8.21 -4.82
CA PHE A 45 -2.47 -7.32 -5.90
C PHE A 45 -1.10 -6.73 -5.67
N TRP A 46 -0.31 -6.65 -6.68
CA TRP A 46 0.96 -6.02 -6.51
C TRP A 46 0.85 -4.60 -7.00
N ALA A 47 1.43 -3.70 -6.29
CA ALA A 47 1.35 -2.32 -6.64
C ALA A 47 2.70 -1.66 -6.50
N PRO A 48 3.07 -0.73 -7.39
CA PRO A 48 4.33 0.00 -7.29
C PRO A 48 4.24 1.10 -6.22
N VAL A 49 4.06 0.67 -4.99
CA VAL A 49 3.94 1.55 -3.83
C VAL A 49 5.23 2.37 -3.59
N SER A 50 6.33 1.88 -4.12
CA SER A 50 7.63 2.51 -4.05
C SER A 50 7.62 3.92 -4.69
N TYR A 51 6.63 4.15 -5.55
CA TYR A 51 6.50 5.38 -6.28
C TYR A 51 5.67 6.42 -5.48
N PHE A 52 5.38 6.09 -4.19
CA PHE A 52 4.56 6.89 -3.26
C PHE A 52 4.64 8.38 -3.51
N THR A 53 3.52 8.96 -3.83
CA THR A 53 3.49 10.31 -4.31
C THR A 53 3.18 11.33 -3.23
N GLU A 54 3.17 10.91 -2.00
CA GLU A 54 2.85 11.81 -0.94
C GLU A 54 3.56 11.37 0.29
N GLY A 55 3.08 10.30 0.85
CA GLY A 55 3.63 9.77 1.99
C GLY A 55 2.86 8.61 2.36
N ASN A 56 3.41 7.88 3.21
CA ASN A 56 2.85 6.67 3.65
C ASN A 56 2.81 6.67 5.17
N THR A 57 2.17 5.70 5.75
CA THR A 57 2.10 5.62 7.19
C THR A 57 2.65 4.29 7.70
N CYS A 58 3.38 3.63 6.84
CA CYS A 58 4.09 2.47 7.16
C CYS A 58 5.22 2.87 8.08
N GLU A 59 5.13 2.48 9.31
CA GLU A 59 6.05 2.91 10.30
C GLU A 59 7.11 1.85 10.48
N GLY A 60 6.69 0.61 10.34
CA GLY A 60 7.55 -0.50 10.62
C GLY A 60 8.17 -1.13 9.41
N VAL A 61 7.86 -0.64 8.25
CA VAL A 61 8.42 -1.19 7.05
C VAL A 61 9.30 -0.14 6.39
N PHE A 62 9.53 0.88 7.15
CA PHE A 62 10.17 2.01 6.69
C PHE A 62 11.61 1.96 7.15
N GLY A 1 -15.41 2.11 5.84
CA GLY A 1 -14.53 3.14 6.38
C GLY A 1 -13.12 2.66 6.43
N SER A 2 -12.18 3.56 6.47
CA SER A 2 -10.79 3.20 6.52
C SER A 2 -10.04 4.17 7.41
N THR A 3 -9.11 3.66 8.16
CA THR A 3 -8.30 4.49 9.00
C THR A 3 -6.91 4.60 8.38
N PHE A 4 -6.10 5.48 8.91
CA PHE A 4 -4.75 5.67 8.39
C PHE A 4 -3.75 5.04 9.31
N GLY A 5 -4.19 3.98 9.94
CA GLY A 5 -3.39 3.22 10.80
C GLY A 5 -3.54 1.76 10.46
N PRO A 6 -2.70 1.26 9.53
CA PRO A 6 -2.75 -0.12 9.02
C PRO A 6 -2.11 -1.09 9.99
N LYS A 7 -2.54 -1.00 11.21
CA LYS A 7 -2.15 -1.78 12.27
C LYS A 7 -2.53 -3.23 12.04
N ASP A 8 -3.72 -3.38 11.53
CA ASP A 8 -4.30 -4.67 11.17
C ASP A 8 -3.66 -5.19 9.90
N ILE A 9 -3.15 -4.29 9.13
CA ILE A 9 -2.56 -4.59 7.86
C ILE A 9 -1.05 -4.49 8.06
N LYS A 10 -0.40 -3.62 7.33
CA LYS A 10 0.96 -3.31 7.61
C LYS A 10 1.23 -1.89 7.08
N CYS A 11 0.87 -1.65 5.86
CA CYS A 11 0.96 -0.34 5.30
C CYS A 11 -0.18 -0.11 4.34
N GLU A 12 -0.48 1.11 4.09
CA GLU A 12 -1.40 1.50 3.08
C GLU A 12 -0.79 2.72 2.44
N ALA A 13 -0.49 2.61 1.19
CA ALA A 13 0.21 3.63 0.47
C ALA A 13 -0.59 4.04 -0.72
N TYR A 14 -0.43 5.26 -1.13
CA TYR A 14 -1.08 5.74 -2.22
C TYR A 14 -0.24 5.68 -3.43
N TYR A 15 -0.89 5.95 -4.47
CA TYR A 15 -0.38 5.96 -5.79
C TYR A 15 -1.31 6.85 -6.54
N MET A 16 -0.80 7.59 -7.40
CA MET A 16 -1.59 8.39 -8.28
C MET A 16 -1.08 8.19 -9.67
N GLN A 17 -1.97 8.26 -10.58
CA GLN A 17 -1.68 8.03 -11.96
C GLN A 17 -2.15 9.24 -12.74
N ASP A 18 -1.51 10.36 -12.42
CA ASP A 18 -1.69 11.69 -13.05
C ASP A 18 -2.87 12.42 -12.50
N HIS A 19 -3.85 11.68 -12.16
CA HIS A 19 -5.09 12.24 -11.70
C HIS A 19 -5.78 11.29 -10.72
N VAL A 20 -5.64 10.00 -10.93
CA VAL A 20 -6.32 9.03 -10.11
C VAL A 20 -5.41 8.61 -9.00
N LYS A 21 -5.75 8.99 -7.80
CA LYS A 21 -4.97 8.63 -6.64
C LYS A 21 -5.72 7.59 -5.86
N TYR A 22 -5.14 6.44 -5.73
CA TYR A 22 -5.76 5.36 -5.05
C TYR A 22 -4.87 4.81 -3.98
N LYS A 23 -5.52 4.36 -2.97
CA LYS A 23 -4.92 3.86 -1.81
C LYS A 23 -4.82 2.34 -1.86
N ALA A 24 -3.63 1.86 -1.74
CA ALA A 24 -3.34 0.49 -1.83
C ALA A 24 -2.91 -0.03 -0.49
N ASN A 25 -3.63 -0.99 0.01
CA ASN A 25 -3.31 -1.55 1.30
C ASN A 25 -2.29 -2.61 1.05
N VAL A 26 -1.13 -2.31 1.48
CA VAL A 26 -0.01 -3.02 1.10
C VAL A 26 0.56 -3.78 2.28
N PHE A 27 0.89 -4.99 2.02
CA PHE A 27 1.33 -5.86 3.07
C PHE A 27 2.83 -5.92 3.09
N ASP A 28 3.41 -6.19 1.93
CA ASP A 28 4.86 -6.34 1.90
C ASP A 28 5.34 -5.96 0.54
N ARG A 29 6.59 -6.15 0.26
CA ARG A 29 7.13 -5.89 -1.05
C ARG A 29 7.99 -7.05 -1.54
N LYS A 30 8.34 -6.97 -2.78
CA LYS A 30 9.28 -7.83 -3.41
C LYS A 30 10.16 -6.97 -4.32
N GLY A 31 11.15 -6.38 -3.72
CA GLY A 31 12.02 -5.48 -4.44
C GLY A 31 11.38 -4.12 -4.59
N ASP A 32 11.27 -3.66 -5.82
CA ASP A 32 10.66 -2.34 -6.09
C ASP A 32 9.20 -2.47 -6.42
N MET A 33 8.67 -3.64 -6.21
CA MET A 33 7.29 -3.91 -6.43
C MET A 33 6.68 -4.25 -5.10
N PHE A 34 5.49 -3.78 -4.84
CA PHE A 34 4.88 -4.01 -3.63
C PHE A 34 3.80 -5.05 -3.76
N LEU A 35 3.26 -5.44 -2.65
CA LEU A 35 2.31 -6.52 -2.54
C LEU A 35 1.04 -6.00 -1.87
N VAL A 36 -0.02 -5.92 -2.66
CA VAL A 36 -1.32 -5.39 -2.26
C VAL A 36 -2.37 -6.48 -2.40
N SER A 37 -3.37 -6.47 -1.56
CA SER A 37 -4.45 -7.43 -1.69
C SER A 37 -5.77 -6.83 -1.21
N PRO A 38 -6.86 -7.02 -1.97
CA PRO A 38 -8.22 -6.62 -1.52
C PRO A 38 -8.61 -7.41 -0.25
N ILE A 39 -9.74 -7.09 0.37
CA ILE A 39 -10.11 -7.75 1.64
C ILE A 39 -10.80 -9.14 1.34
N MET A 40 -10.44 -9.68 0.19
CA MET A 40 -10.85 -10.96 -0.37
C MET A 40 -9.96 -11.16 -1.56
N ALA A 41 -9.00 -12.01 -1.44
CA ALA A 41 -8.03 -12.22 -2.49
C ALA A 41 -7.50 -13.62 -2.45
N TYR A 42 -7.53 -14.29 -3.56
CA TYR A 42 -7.09 -15.67 -3.65
C TYR A 42 -5.57 -15.73 -3.78
N GLY A 43 -4.98 -14.62 -4.20
CA GLY A 43 -3.56 -14.56 -4.36
C GLY A 43 -3.04 -13.20 -3.98
N SER A 44 -1.76 -13.10 -3.78
CA SER A 44 -1.12 -11.87 -3.44
C SER A 44 -0.74 -11.12 -4.73
N PHE A 45 -1.45 -10.05 -5.01
CA PHE A 45 -1.24 -9.27 -6.20
C PHE A 45 -0.11 -8.26 -5.98
N TRP A 46 0.63 -7.96 -6.99
CA TRP A 46 1.70 -7.02 -6.84
C TRP A 46 1.33 -5.72 -7.55
N ALA A 47 1.83 -4.64 -7.04
CA ALA A 47 1.57 -3.35 -7.63
C ALA A 47 2.78 -2.46 -7.41
N PRO A 48 3.07 -1.53 -8.33
CA PRO A 48 4.22 -0.60 -8.20
C PRO A 48 3.92 0.53 -7.21
N VAL A 49 3.54 0.13 -6.02
CA VAL A 49 3.14 1.03 -4.94
C VAL A 49 4.33 1.87 -4.42
N SER A 50 5.52 1.50 -4.86
CA SER A 50 6.77 2.20 -4.56
C SER A 50 6.77 3.62 -5.18
N TYR A 51 5.79 3.86 -6.01
CA TYR A 51 5.59 5.12 -6.70
C TYR A 51 4.73 6.07 -5.81
N PHE A 52 4.56 5.70 -4.52
CA PHE A 52 3.83 6.46 -3.53
C PHE A 52 4.05 7.98 -3.64
N THR A 53 3.02 8.65 -4.07
CA THR A 53 3.02 10.06 -4.33
C THR A 53 1.96 10.81 -3.49
N GLU A 54 1.93 10.48 -2.22
CA GLU A 54 1.05 11.10 -1.25
C GLU A 54 1.62 10.83 0.12
N GLY A 55 1.64 9.58 0.46
CA GLY A 55 2.19 9.14 1.65
C GLY A 55 1.63 7.84 1.93
N ASN A 56 2.25 7.19 2.80
CA ASN A 56 1.85 5.91 3.20
C ASN A 56 1.68 5.84 4.67
N THR A 57 1.09 4.79 5.14
CA THR A 57 0.78 4.69 6.54
C THR A 57 1.52 3.54 7.25
N CYS A 58 2.51 2.98 6.58
CA CYS A 58 3.31 1.86 7.03
C CYS A 58 3.68 1.91 8.51
N GLU A 59 3.33 0.85 9.25
CA GLU A 59 3.55 0.82 10.69
C GLU A 59 4.75 -0.04 10.98
N GLY A 60 4.73 -1.22 10.42
CA GLY A 60 5.68 -2.23 10.73
C GLY A 60 6.96 -2.14 9.98
N VAL A 61 6.98 -1.34 8.95
CA VAL A 61 8.15 -1.27 8.12
C VAL A 61 8.97 -0.06 8.53
N PHE A 62 8.50 0.59 9.55
CA PHE A 62 9.04 1.75 10.00
C PHE A 62 10.02 1.42 11.11
N GLY A 1 -15.22 -0.99 5.58
CA GLY A 1 -15.15 -0.17 4.39
C GLY A 1 -13.76 0.34 4.16
N SER A 2 -13.63 1.41 3.40
CA SER A 2 -12.32 1.94 3.10
C SER A 2 -11.94 3.03 4.12
N THR A 3 -11.06 2.68 5.03
CA THR A 3 -10.54 3.59 6.03
C THR A 3 -9.02 3.49 6.05
N PHE A 4 -8.33 4.62 6.10
CA PHE A 4 -6.88 4.55 6.13
C PHE A 4 -6.40 4.36 7.56
N GLY A 5 -5.44 3.49 7.71
CA GLY A 5 -4.93 3.11 8.98
C GLY A 5 -4.76 1.62 8.98
N PRO A 6 -3.53 1.12 8.80
CA PRO A 6 -3.27 -0.30 8.69
C PRO A 6 -3.28 -1.02 10.04
N LYS A 7 -4.47 -1.33 10.49
CA LYS A 7 -4.71 -2.00 11.66
C LYS A 7 -4.24 -3.44 11.59
N ASP A 8 -4.76 -4.15 10.62
CA ASP A 8 -4.46 -5.56 10.46
C ASP A 8 -3.51 -5.77 9.28
N ILE A 9 -2.92 -4.69 8.84
CA ILE A 9 -2.03 -4.76 7.70
C ILE A 9 -0.59 -4.50 8.18
N LYS A 10 0.07 -3.46 7.65
CA LYS A 10 1.44 -3.08 8.02
C LYS A 10 1.83 -1.89 7.17
N CYS A 11 1.55 -1.98 5.90
CA CYS A 11 1.83 -0.91 4.97
C CYS A 11 0.57 -0.57 4.23
N GLU A 12 0.47 0.65 3.83
CA GLU A 12 -0.65 1.18 3.13
C GLU A 12 -0.20 2.51 2.60
N ALA A 13 -0.28 2.66 1.32
CA ALA A 13 0.30 3.80 0.62
C ALA A 13 -0.72 4.40 -0.31
N TYR A 14 -0.56 5.65 -0.66
CA TYR A 14 -1.43 6.23 -1.61
C TYR A 14 -0.75 6.48 -2.90
N TYR A 15 -1.58 6.64 -3.86
CA TYR A 15 -1.26 7.00 -5.21
C TYR A 15 -2.56 7.30 -5.90
N MET A 16 -2.57 8.19 -6.86
CA MET A 16 -3.75 8.34 -7.65
C MET A 16 -3.56 7.60 -8.96
N GLN A 17 -4.63 7.12 -9.51
CA GLN A 17 -4.53 6.32 -10.73
C GLN A 17 -5.42 6.94 -11.83
N ASP A 18 -5.72 8.18 -11.64
CA ASP A 18 -6.60 8.97 -12.50
C ASP A 18 -6.61 10.33 -11.92
N HIS A 19 -7.30 10.39 -10.85
CA HIS A 19 -7.36 11.53 -9.96
C HIS A 19 -7.93 11.04 -8.64
N VAL A 20 -7.89 9.72 -8.44
CA VAL A 20 -8.40 9.11 -7.26
C VAL A 20 -7.21 8.72 -6.49
N LYS A 21 -6.87 9.51 -5.51
CA LYS A 21 -5.76 9.21 -4.68
C LYS A 21 -6.25 8.26 -3.64
N TYR A 22 -5.94 7.05 -3.85
CA TYR A 22 -6.48 5.99 -3.09
C TYR A 22 -5.42 5.22 -2.43
N LYS A 23 -5.79 4.62 -1.35
CA LYS A 23 -4.91 3.87 -0.56
C LYS A 23 -4.78 2.44 -1.09
N ALA A 24 -3.63 1.91 -0.96
CA ALA A 24 -3.34 0.57 -1.31
C ALA A 24 -2.76 -0.09 -0.13
N ASN A 25 -3.22 -1.25 0.09
CA ASN A 25 -2.92 -2.01 1.22
C ASN A 25 -1.72 -2.83 0.89
N VAL A 26 -0.62 -2.46 1.45
CA VAL A 26 0.62 -3.04 1.08
C VAL A 26 1.09 -4.01 2.16
N PHE A 27 1.45 -5.16 1.75
CA PHE A 27 1.97 -6.15 2.63
C PHE A 27 3.43 -5.86 2.90
N ASP A 28 4.21 -5.79 1.83
CA ASP A 28 5.66 -5.60 2.00
C ASP A 28 6.30 -5.26 0.67
N ARG A 29 7.61 -5.23 0.59
CA ARG A 29 8.28 -4.78 -0.60
C ARG A 29 9.17 -5.81 -1.29
N LYS A 30 9.45 -5.50 -2.51
CA LYS A 30 10.39 -6.17 -3.38
C LYS A 30 11.13 -5.05 -4.13
N GLY A 31 11.85 -4.25 -3.37
CA GLY A 31 12.54 -3.10 -3.92
C GLY A 31 11.60 -1.97 -4.29
N ASP A 32 11.51 -1.70 -5.58
CA ASP A 32 10.67 -0.62 -6.14
C ASP A 32 9.30 -1.15 -6.54
N MET A 33 9.07 -2.38 -6.20
CA MET A 33 7.83 -3.03 -6.41
C MET A 33 7.38 -3.50 -5.06
N PHE A 34 6.14 -3.50 -4.81
CA PHE A 34 5.66 -3.90 -3.56
C PHE A 34 4.60 -4.95 -3.73
N LEU A 35 4.22 -5.52 -2.64
CA LEU A 35 3.22 -6.54 -2.57
C LEU A 35 1.96 -5.90 -2.06
N VAL A 36 0.95 -5.81 -2.89
CA VAL A 36 -0.31 -5.13 -2.58
C VAL A 36 -1.51 -5.99 -3.00
N SER A 37 -2.61 -5.81 -2.31
CA SER A 37 -3.87 -6.44 -2.61
C SER A 37 -4.96 -5.53 -2.02
N PRO A 38 -6.21 -5.59 -2.50
CA PRO A 38 -7.33 -4.89 -1.86
C PRO A 38 -7.58 -5.44 -0.45
N ILE A 39 -8.57 -4.93 0.25
CA ILE A 39 -8.87 -5.45 1.60
C ILE A 39 -9.64 -6.76 1.56
N MET A 40 -8.96 -7.73 0.98
CA MET A 40 -9.27 -9.14 0.82
C MET A 40 -8.00 -9.76 0.31
N ALA A 41 -7.49 -10.70 0.99
CA ALA A 41 -6.22 -11.24 0.62
C ALA A 41 -6.33 -12.61 -0.04
N TYR A 42 -6.36 -12.61 -1.34
CA TYR A 42 -6.37 -13.84 -2.10
C TYR A 42 -4.92 -14.25 -2.38
N GLY A 43 -4.07 -13.26 -2.38
CA GLY A 43 -2.69 -13.43 -2.61
C GLY A 43 -2.07 -12.07 -2.76
N SER A 44 -0.78 -11.99 -2.68
CA SER A 44 -0.10 -10.74 -2.81
C SER A 44 0.23 -10.48 -4.29
N PHE A 45 -0.33 -9.43 -4.83
CA PHE A 45 -0.04 -9.05 -6.20
C PHE A 45 1.04 -7.99 -6.15
N TRP A 46 1.67 -7.70 -7.26
CA TRP A 46 2.72 -6.72 -7.19
C TRP A 46 2.23 -5.39 -7.70
N ALA A 47 2.65 -4.36 -7.04
CA ALA A 47 2.35 -3.01 -7.45
C ALA A 47 3.52 -2.09 -7.17
N PRO A 48 3.88 -1.20 -8.10
CA PRO A 48 4.93 -0.22 -7.87
C PRO A 48 4.45 0.87 -6.91
N VAL A 49 4.64 0.64 -5.64
CA VAL A 49 4.18 1.53 -4.59
C VAL A 49 5.14 2.70 -4.35
N SER A 50 6.30 2.61 -4.97
CA SER A 50 7.29 3.67 -4.92
C SER A 50 6.76 4.95 -5.63
N TYR A 51 5.64 4.78 -6.32
CA TYR A 51 4.92 5.82 -7.03
C TYR A 51 4.01 6.64 -6.03
N PHE A 52 4.17 6.38 -4.73
CA PHE A 52 3.40 7.07 -3.68
C PHE A 52 3.50 8.58 -3.81
N THR A 53 2.37 9.25 -3.75
CA THR A 53 2.35 10.68 -3.93
C THR A 53 1.68 11.43 -2.76
N GLU A 54 1.69 10.84 -1.59
CA GLU A 54 1.20 11.50 -0.40
C GLU A 54 1.97 11.00 0.76
N GLY A 55 1.94 9.73 0.94
CA GLY A 55 2.64 9.13 1.94
C GLY A 55 2.05 7.84 2.17
N ASN A 56 2.69 7.10 2.94
CA ASN A 56 2.26 5.80 3.25
C ASN A 56 2.26 5.68 4.76
N THR A 57 1.96 4.52 5.25
CA THR A 57 1.94 4.31 6.68
C THR A 57 2.46 2.91 7.08
N CYS A 58 3.36 2.40 6.27
CA CYS A 58 4.10 1.25 6.48
C CYS A 58 5.05 1.44 7.63
N GLU A 59 4.70 0.92 8.78
CA GLU A 59 5.37 1.33 10.01
C GLU A 59 6.56 0.47 10.27
N GLY A 60 6.71 -0.52 9.46
CA GLY A 60 7.78 -1.41 9.64
C GLY A 60 8.71 -1.44 8.48
N VAL A 61 8.38 -0.75 7.42
CA VAL A 61 9.17 -0.90 6.22
C VAL A 61 9.64 0.46 5.70
N PHE A 62 9.29 1.45 6.42
CA PHE A 62 9.51 2.78 6.11
C PHE A 62 9.41 3.50 7.43
N GLY A 1 -19.71 2.36 5.23
CA GLY A 1 -18.58 3.18 4.83
C GLY A 1 -17.33 2.36 4.76
N SER A 2 -16.25 2.87 5.29
CA SER A 2 -15.02 2.16 5.34
C SER A 2 -14.32 2.54 6.65
N THR A 3 -14.48 1.71 7.66
CA THR A 3 -13.85 1.96 8.93
C THR A 3 -12.44 1.40 8.88
N PHE A 4 -11.49 2.28 8.67
CA PHE A 4 -10.12 1.91 8.52
C PHE A 4 -9.51 1.54 9.85
N GLY A 5 -9.18 0.30 9.96
CA GLY A 5 -8.49 -0.20 11.10
C GLY A 5 -7.36 -1.04 10.58
N PRO A 6 -6.20 -0.41 10.26
CA PRO A 6 -5.09 -1.08 9.54
C PRO A 6 -4.27 -2.07 10.38
N LYS A 7 -4.97 -2.95 11.05
CA LYS A 7 -4.47 -3.95 11.85
C LYS A 7 -3.61 -4.91 11.05
N ASP A 8 -4.19 -5.44 10.00
CA ASP A 8 -3.55 -6.40 9.10
C ASP A 8 -2.88 -5.64 8.00
N ILE A 9 -3.18 -4.38 7.95
CA ILE A 9 -2.78 -3.55 6.85
C ILE A 9 -1.40 -2.97 7.08
N LYS A 10 -1.26 -2.13 8.10
CA LYS A 10 0.00 -1.47 8.49
C LYS A 10 0.41 -0.36 7.49
N CYS A 11 0.39 -0.67 6.23
CA CYS A 11 0.79 0.29 5.24
C CYS A 11 -0.34 0.68 4.33
N GLU A 12 -0.51 1.95 4.18
CA GLU A 12 -1.37 2.47 3.20
C GLU A 12 -0.65 3.62 2.60
N ALA A 13 -0.67 3.69 1.32
CA ALA A 13 0.10 4.64 0.59
C ALA A 13 -0.69 5.09 -0.59
N TYR A 14 -0.36 6.22 -1.16
CA TYR A 14 -1.00 6.60 -2.35
C TYR A 14 -0.12 6.33 -3.49
N TYR A 15 -0.74 6.20 -4.57
CA TYR A 15 -0.18 5.91 -5.85
C TYR A 15 -1.25 6.07 -6.87
N MET A 16 -0.85 6.52 -7.99
CA MET A 16 -1.74 6.63 -9.13
C MET A 16 -1.37 5.54 -10.09
N GLN A 17 -2.29 5.08 -10.87
CA GLN A 17 -1.95 4.01 -11.78
C GLN A 17 -1.83 4.55 -13.18
N ASP A 18 -2.70 5.43 -13.51
CA ASP A 18 -2.72 6.08 -14.80
C ASP A 18 -2.68 7.52 -14.56
N HIS A 19 -3.64 7.92 -13.81
CA HIS A 19 -3.82 9.27 -13.38
C HIS A 19 -4.53 9.31 -11.99
N VAL A 20 -5.16 8.20 -11.59
CA VAL A 20 -5.97 8.19 -10.39
C VAL A 20 -5.13 7.80 -9.22
N LYS A 21 -4.88 8.76 -8.36
CA LYS A 21 -4.08 8.57 -7.19
C LYS A 21 -5.00 8.31 -6.02
N TYR A 22 -4.92 7.14 -5.47
CA TYR A 22 -5.70 6.74 -4.41
C TYR A 22 -4.83 6.04 -3.40
N LYS A 23 -5.36 5.79 -2.24
CA LYS A 23 -4.65 5.08 -1.20
C LYS A 23 -4.89 3.58 -1.36
N ALA A 24 -3.84 2.85 -1.26
CA ALA A 24 -3.83 1.46 -1.44
C ALA A 24 -3.31 0.83 -0.18
N ASN A 25 -3.83 -0.30 0.13
CA ASN A 25 -3.44 -1.04 1.32
C ASN A 25 -2.26 -1.97 1.01
N VAL A 26 -1.13 -1.54 1.47
CA VAL A 26 0.13 -2.17 1.21
C VAL A 26 0.55 -2.95 2.46
N PHE A 27 1.25 -4.03 2.28
CA PHE A 27 1.59 -4.86 3.41
C PHE A 27 3.09 -4.85 3.71
N ASP A 28 3.90 -5.04 2.68
CA ASP A 28 5.32 -5.17 2.90
C ASP A 28 6.01 -4.70 1.66
N ARG A 29 7.31 -4.84 1.58
CA ARG A 29 8.00 -4.45 0.43
C ARG A 29 8.65 -5.63 -0.23
N LYS A 30 9.15 -5.41 -1.38
CA LYS A 30 9.84 -6.40 -2.14
C LYS A 30 11.05 -5.70 -2.74
N GLY A 31 11.85 -6.42 -3.47
CA GLY A 31 13.01 -5.84 -4.13
C GLY A 31 12.63 -4.78 -5.17
N ASP A 32 12.77 -3.50 -4.77
CA ASP A 32 12.53 -2.29 -5.63
C ASP A 32 11.03 -2.13 -5.95
N MET A 33 10.22 -2.92 -5.29
CA MET A 33 8.79 -2.97 -5.46
C MET A 33 8.18 -3.11 -4.11
N PHE A 34 6.93 -2.95 -4.01
CA PHE A 34 6.27 -3.14 -2.81
C PHE A 34 5.20 -4.17 -3.00
N LEU A 35 4.57 -4.51 -1.93
CA LEU A 35 3.59 -5.57 -1.90
C LEU A 35 2.27 -4.98 -1.44
N VAL A 36 1.35 -4.87 -2.35
CA VAL A 36 0.04 -4.28 -2.10
C VAL A 36 -1.00 -5.16 -2.77
N SER A 37 -2.02 -5.51 -2.05
CA SER A 37 -3.00 -6.43 -2.57
C SER A 37 -4.34 -6.19 -1.91
N PRO A 38 -5.46 -6.48 -2.60
CA PRO A 38 -6.79 -6.39 -1.98
C PRO A 38 -6.90 -7.39 -0.83
N ILE A 39 -7.92 -7.26 -0.02
CA ILE A 39 -8.08 -8.17 1.13
C ILE A 39 -8.86 -9.44 0.73
N MET A 40 -8.72 -9.79 -0.52
CA MET A 40 -9.29 -10.99 -1.09
C MET A 40 -8.13 -11.89 -1.45
N ALA A 41 -8.30 -13.17 -1.35
CA ALA A 41 -7.23 -14.09 -1.60
C ALA A 41 -7.13 -14.43 -3.09
N TYR A 42 -6.35 -13.65 -3.81
CA TYR A 42 -6.09 -13.92 -5.22
C TYR A 42 -4.65 -14.35 -5.40
N GLY A 43 -3.78 -13.70 -4.68
CA GLY A 43 -2.37 -13.94 -4.74
C GLY A 43 -1.65 -12.73 -4.22
N SER A 44 -0.36 -12.67 -4.37
CA SER A 44 0.40 -11.53 -3.94
C SER A 44 0.60 -10.58 -5.10
N PHE A 45 0.07 -9.38 -4.98
CA PHE A 45 0.24 -8.39 -6.00
C PHE A 45 1.35 -7.45 -5.57
N TRP A 46 2.09 -7.01 -6.52
CA TRP A 46 3.17 -6.11 -6.26
C TRP A 46 2.93 -4.81 -7.00
N ALA A 47 3.50 -3.75 -6.53
CA ALA A 47 3.42 -2.47 -7.19
C ALA A 47 4.53 -1.58 -6.67
N PRO A 48 5.05 -0.66 -7.49
CA PRO A 48 6.08 0.27 -7.05
C PRO A 48 5.50 1.38 -6.16
N VAL A 49 5.22 1.01 -4.93
CA VAL A 49 4.68 1.94 -3.93
C VAL A 49 5.76 2.98 -3.55
N SER A 50 7.00 2.67 -3.90
CA SER A 50 8.13 3.54 -3.71
C SER A 50 7.95 4.88 -4.50
N TYR A 51 6.99 4.89 -5.42
CA TYR A 51 6.66 6.04 -6.25
C TYR A 51 5.65 6.96 -5.51
N PHE A 52 5.46 6.70 -4.20
CA PHE A 52 4.56 7.45 -3.34
C PHE A 52 4.82 8.95 -3.44
N THR A 53 3.84 9.63 -3.90
CA THR A 53 3.90 11.03 -4.14
C THR A 53 2.85 11.78 -3.32
N GLU A 54 2.56 11.28 -2.13
CA GLU A 54 1.58 11.93 -1.29
C GLU A 54 1.99 11.75 0.16
N GLY A 55 1.86 10.54 0.63
CA GLY A 55 2.22 10.21 1.94
C GLY A 55 1.56 8.98 2.31
N ASN A 56 2.18 8.27 3.13
CA ASN A 56 1.75 6.97 3.49
C ASN A 56 1.73 6.83 5.00
N THR A 57 1.29 5.68 5.49
CA THR A 57 1.27 5.41 6.94
C THR A 57 2.20 4.22 7.28
N CYS A 58 2.93 3.79 6.32
CA CYS A 58 3.81 2.68 6.43
C CYS A 58 5.04 3.06 7.21
N GLU A 59 5.05 2.71 8.46
CA GLU A 59 6.16 3.05 9.32
C GLU A 59 6.92 1.79 9.67
N GLY A 60 6.19 0.71 9.81
CA GLY A 60 6.77 -0.56 10.19
C GLY A 60 7.43 -1.25 9.03
N VAL A 61 7.40 -0.60 7.90
CA VAL A 61 8.04 -1.10 6.72
C VAL A 61 9.21 -0.17 6.37
N PHE A 62 9.34 0.91 7.10
CA PHE A 62 10.24 1.89 6.82
C PHE A 62 11.37 1.84 7.84
#